data_7SBJ
#
_entry.id   7SBJ
#
_cell.length_a   83.890
_cell.length_b   136.480
_cell.length_c   148.740
_cell.angle_alpha   90.000
_cell.angle_beta   90.000
_cell.angle_gamma   90.000
#
_symmetry.space_group_name_H-M   'C 2 2 21'
#
loop_
_entity.id
_entity.type
_entity.pdbx_description
1 polymer 'Ribulose-phosphate 3-epimerase'
2 non-polymer 'ZINC ION'
3 non-polymer 'SULFATE ION'
4 non-polymer 'CHLORIDE ION'
5 non-polymer 'MAGNESIUM ION'
6 water water
#
_entity_poly.entity_id   1
_entity_poly.type   'polypeptide(L)'
_entity_poly.pdbx_seq_one_letter_code
;MAHHHHHHMSHCLIAPSILSANFARLGEEVDNVLAAGADWVHFDVMDNHYVPNLTIGPMVCQALRKHGVTAPIDVHLMVE
PVDRIIPDFAEAGATYISFHPEASRHVHRTIQLIRSLGCKPGIVLNPATPVDILDWVLDDLDLVLLMSVNPGFGGQAFIP
SALDKLKVVRKMIDASGKDIRLEIDGGVKADNIGEIAAAGADTFVAGSAIFNAKTSYQDVIAQMRANVAAAR
;
_entity_poly.pdbx_strand_id   A,B,C
#
# COMPACT_ATOMS: atom_id res chain seq x y z
N CYS A 12 9.69 -39.23 0.26
CA CYS A 12 8.40 -39.85 -0.05
C CYS A 12 7.83 -39.42 -1.43
N LEU A 13 7.18 -38.26 -1.58
CA LEU A 13 6.57 -37.90 -2.86
C LEU A 13 7.26 -36.69 -3.48
N ILE A 14 7.54 -36.79 -4.78
CA ILE A 14 8.20 -35.72 -5.53
C ILE A 14 7.16 -35.13 -6.47
N ALA A 15 6.96 -33.81 -6.40
CA ALA A 15 5.93 -33.11 -7.16
C ALA A 15 6.55 -31.93 -7.91
N PRO A 16 7.12 -32.17 -9.10
CA PRO A 16 7.75 -31.07 -9.85
C PRO A 16 6.74 -30.00 -10.24
N SER A 17 7.17 -28.74 -10.13
CA SER A 17 6.34 -27.60 -10.48
CA SER A 17 6.29 -27.64 -10.50
C SER A 17 6.54 -27.28 -11.96
N ILE A 18 5.49 -27.40 -12.76
CA ILE A 18 5.61 -27.22 -14.21
C ILE A 18 5.75 -25.76 -14.62
N LEU A 19 5.67 -24.81 -13.67
CA LEU A 19 5.97 -23.43 -14.02
C LEU A 19 7.37 -23.29 -14.63
N SER A 20 8.29 -24.16 -14.24
CA SER A 20 9.66 -24.11 -14.71
C SER A 20 9.89 -24.95 -15.97
N ALA A 21 8.85 -25.63 -16.47
CA ALA A 21 8.97 -26.51 -17.62
C ALA A 21 8.87 -25.70 -18.92
N ASN A 22 9.18 -26.37 -20.03
CA ASN A 22 9.05 -25.76 -21.35
C ASN A 22 7.59 -25.84 -21.78
N PHE A 23 6.87 -24.72 -21.69
CA PHE A 23 5.45 -24.73 -22.04
C PHE A 23 5.18 -24.88 -23.53
N ALA A 24 6.20 -24.81 -24.38
CA ALA A 24 5.99 -25.14 -25.77
C ALA A 24 5.85 -26.65 -25.99
N ARG A 25 6.27 -27.45 -25.02
CA ARG A 25 6.22 -28.91 -25.14
C ARG A 25 5.79 -29.50 -23.80
N LEU A 26 4.67 -29.01 -23.27
CA LEU A 26 4.30 -29.35 -21.90
C LEU A 26 3.97 -30.83 -21.72
N GLY A 27 3.26 -31.43 -22.68
CA GLY A 27 2.96 -32.86 -22.56
C GLY A 27 4.22 -33.71 -22.50
N GLU A 28 5.19 -33.38 -23.36
CA GLU A 28 6.47 -34.06 -23.35
C GLU A 28 7.19 -33.88 -22.02
N GLU A 29 7.20 -32.65 -21.50
CA GLU A 29 7.89 -32.35 -20.25
C GLU A 29 7.28 -33.12 -19.09
N VAL A 30 5.96 -33.13 -19.01
CA VAL A 30 5.27 -33.84 -17.93
C VAL A 30 5.47 -35.34 -18.07
N ASP A 31 5.28 -35.87 -19.28
CA ASP A 31 5.54 -37.29 -19.52
C ASP A 31 6.94 -37.66 -19.07
N ASN A 32 7.93 -36.86 -19.46
CA ASN A 32 9.32 -37.20 -19.17
C ASN A 32 9.63 -37.11 -17.68
N VAL A 33 9.05 -36.14 -16.99
CA VAL A 33 9.41 -36.01 -15.58
C VAL A 33 8.74 -37.10 -14.75
N LEU A 34 7.54 -37.53 -15.15
CA LEU A 34 6.90 -38.67 -14.46
C LEU A 34 7.63 -39.97 -14.77
N ALA A 35 8.04 -40.16 -16.04
CA ALA A 35 8.85 -41.33 -16.36
C ALA A 35 10.16 -41.34 -15.58
N ALA A 36 10.70 -40.16 -15.25
CA ALA A 36 11.95 -40.05 -14.53
C ALA A 36 11.81 -40.33 -13.04
N GLY A 37 10.59 -40.56 -12.55
CA GLY A 37 10.40 -40.91 -11.15
C GLY A 37 9.54 -39.95 -10.35
N ALA A 38 9.07 -38.84 -10.93
CA ALA A 38 8.18 -37.95 -10.20
C ALA A 38 6.84 -38.62 -9.93
N ASP A 39 6.21 -38.24 -8.81
CA ASP A 39 4.93 -38.83 -8.42
C ASP A 39 3.74 -38.00 -8.86
N TRP A 40 3.81 -36.68 -8.69
CA TRP A 40 2.70 -35.77 -8.92
C TRP A 40 3.14 -34.68 -9.87
N VAL A 41 2.14 -34.05 -10.51
CA VAL A 41 2.35 -32.85 -11.30
C VAL A 41 1.89 -31.67 -10.46
N HIS A 42 2.80 -30.79 -10.08
CA HIS A 42 2.42 -29.63 -9.27
C HIS A 42 2.14 -28.42 -10.16
N PHE A 43 0.99 -27.79 -9.92
CA PHE A 43 0.35 -26.88 -10.87
C PHE A 43 0.09 -25.57 -10.13
N ASP A 44 0.93 -24.54 -10.34
CA ASP A 44 0.81 -23.26 -9.64
C ASP A 44 -0.07 -22.31 -10.44
N VAL A 45 -1.19 -21.90 -9.84
CA VAL A 45 -2.22 -21.12 -10.53
C VAL A 45 -2.22 -19.73 -9.91
N MET A 46 -1.92 -18.72 -10.71
CA MET A 46 -1.83 -17.34 -10.22
C MET A 46 -2.77 -16.46 -11.04
N ASP A 47 -3.56 -15.62 -10.36
CA ASP A 47 -4.60 -14.84 -11.04
C ASP A 47 -4.27 -13.35 -11.16
N ASN A 48 -3.03 -12.96 -10.93
CA ASN A 48 -2.56 -11.58 -11.04
C ASN A 48 -3.11 -10.70 -9.93
N HIS A 49 -3.89 -11.26 -9.00
CA HIS A 49 -4.48 -10.47 -7.93
C HIS A 49 -3.97 -10.90 -6.57
N TYR A 50 -4.06 -12.21 -6.26
CA TYR A 50 -3.53 -12.69 -5.00
C TYR A 50 -2.01 -12.59 -4.97
N VAL A 51 -1.38 -12.74 -6.14
CA VAL A 51 0.06 -12.54 -6.33
C VAL A 51 0.25 -11.78 -7.64
N PRO A 52 1.40 -11.09 -7.80
CA PRO A 52 1.60 -10.23 -8.99
C PRO A 52 2.15 -11.01 -10.19
N ASN A 53 1.43 -12.06 -10.58
CA ASN A 53 1.79 -12.84 -11.75
C ASN A 53 0.55 -13.61 -12.15
N LEU A 54 0.51 -14.01 -13.42
CA LEU A 54 -0.60 -14.78 -13.99
C LEU A 54 0.01 -15.98 -14.70
N THR A 55 -0.44 -17.19 -14.37
CA THR A 55 0.21 -18.38 -14.93
C THR A 55 -0.71 -19.18 -15.83
N ILE A 56 -1.39 -20.20 -15.29
CA ILE A 56 -2.12 -21.15 -16.11
C ILE A 56 -3.42 -21.56 -15.43
N GLY A 57 -4.46 -21.75 -16.24
CA GLY A 57 -5.78 -22.04 -15.70
C GLY A 57 -6.22 -23.47 -15.98
N PRO A 58 -7.52 -23.72 -15.76
CA PRO A 58 -8.07 -25.09 -15.87
C PRO A 58 -7.85 -25.74 -17.23
N MET A 59 -7.84 -24.95 -18.30
CA MET A 59 -7.68 -25.54 -19.64
C MET A 59 -6.35 -26.28 -19.76
N VAL A 60 -5.32 -25.84 -19.04
CA VAL A 60 -4.02 -26.52 -19.13
C VAL A 60 -4.07 -27.84 -18.37
N CYS A 61 -4.77 -27.87 -17.24
CA CYS A 61 -5.00 -29.14 -16.55
C CYS A 61 -5.76 -30.11 -17.43
N GLN A 62 -6.81 -29.63 -18.09
CA GLN A 62 -7.60 -30.48 -18.98
CA GLN A 62 -7.59 -30.49 -18.97
C GLN A 62 -6.74 -31.01 -20.12
N ALA A 63 -5.86 -30.16 -20.66
CA ALA A 63 -5.00 -30.61 -21.75
C ALA A 63 -4.08 -31.75 -21.31
N LEU A 64 -3.58 -31.70 -20.06
CA LEU A 64 -2.73 -32.80 -19.61
C LEU A 64 -3.53 -34.09 -19.47
N ARG A 65 -4.75 -34.02 -18.94
CA ARG A 65 -5.59 -35.22 -18.87
C ARG A 65 -5.89 -35.75 -20.25
N LYS A 66 -6.24 -34.86 -21.18
CA LYS A 66 -6.57 -35.32 -22.53
C LYS A 66 -5.35 -35.94 -23.21
N HIS A 67 -4.16 -35.45 -22.88
CA HIS A 67 -2.90 -36.00 -23.41
C HIS A 67 -2.60 -37.38 -22.84
N GLY A 68 -3.28 -37.77 -21.77
CA GLY A 68 -3.10 -39.09 -21.20
C GLY A 68 -2.40 -39.13 -19.86
N VAL A 69 -2.15 -38.00 -19.23
CA VAL A 69 -1.52 -38.00 -17.92
C VAL A 69 -2.52 -38.55 -16.91
N THR A 70 -2.10 -39.59 -16.17
CA THR A 70 -2.94 -40.19 -15.14
C THR A 70 -2.39 -39.99 -13.72
N ALA A 71 -1.20 -39.42 -13.57
CA ALA A 71 -0.66 -39.14 -12.24
C ALA A 71 -1.48 -38.08 -11.53
N PRO A 72 -1.41 -38.02 -10.20
CA PRO A 72 -2.13 -36.95 -9.48
C PRO A 72 -1.65 -35.58 -9.96
N ILE A 73 -2.60 -34.70 -10.18
CA ILE A 73 -2.33 -33.31 -10.50
C ILE A 73 -2.67 -32.50 -9.27
N ASP A 74 -1.69 -31.78 -8.77
CA ASP A 74 -1.74 -31.09 -7.48
C ASP A 74 -1.83 -29.59 -7.78
N VAL A 75 -3.04 -29.03 -7.65
CA VAL A 75 -3.33 -27.65 -8.07
C VAL A 75 -3.20 -26.74 -6.86
N HIS A 76 -2.25 -25.81 -6.91
CA HIS A 76 -2.03 -24.84 -5.84
C HIS A 76 -2.63 -23.51 -6.32
N LEU A 77 -3.75 -23.11 -5.71
CA LEU A 77 -4.45 -21.90 -6.13
C LEU A 77 -3.85 -20.70 -5.40
N MET A 78 -3.08 -19.89 -6.12
CA MET A 78 -2.72 -18.55 -5.66
C MET A 78 -3.63 -17.54 -6.34
N VAL A 79 -4.92 -17.64 -6.00
CA VAL A 79 -5.97 -16.81 -6.60
C VAL A 79 -6.87 -16.34 -5.46
N GLU A 80 -7.57 -15.25 -5.69
CA GLU A 80 -8.48 -14.70 -4.69
C GLU A 80 -9.56 -13.92 -5.41
N PRO A 81 -10.86 -14.24 -5.21
CA PRO A 81 -11.41 -15.33 -4.39
C PRO A 81 -11.19 -16.69 -5.04
N VAL A 82 -11.56 -17.78 -4.38
CA VAL A 82 -11.19 -19.10 -4.89
CA VAL A 82 -11.19 -19.13 -4.78
C VAL A 82 -12.37 -19.94 -5.30
N ASP A 83 -13.58 -19.71 -4.80
CA ASP A 83 -14.63 -20.72 -4.96
C ASP A 83 -15.06 -20.89 -6.42
N ARG A 84 -15.14 -19.81 -7.20
CA ARG A 84 -15.71 -19.96 -8.55
C ARG A 84 -14.86 -20.89 -9.41
N ILE A 85 -13.55 -20.79 -9.29
CA ILE A 85 -12.70 -21.56 -10.21
C ILE A 85 -12.51 -23.02 -9.77
N ILE A 86 -12.83 -23.34 -8.52
CA ILE A 86 -12.60 -24.71 -8.03
C ILE A 86 -13.38 -25.74 -8.83
N PRO A 87 -14.68 -25.57 -9.11
CA PRO A 87 -15.37 -26.58 -9.96
C PRO A 87 -14.74 -26.75 -11.34
N ASP A 88 -14.16 -25.69 -11.91
CA ASP A 88 -13.52 -25.82 -13.21
C ASP A 88 -12.26 -26.69 -13.13
N PHE A 89 -11.50 -26.57 -12.02
CA PHE A 89 -10.34 -27.45 -11.89
C PHE A 89 -10.76 -28.88 -11.59
N ALA A 90 -11.84 -29.09 -10.83
CA ALA A 90 -12.31 -30.45 -10.62
C ALA A 90 -12.74 -31.08 -11.95
N GLU A 91 -13.51 -30.33 -12.75
CA GLU A 91 -13.94 -30.83 -14.05
CA GLU A 91 -13.95 -30.84 -14.04
C GLU A 91 -12.78 -31.11 -14.97
N ALA A 92 -11.71 -30.33 -14.84
CA ALA A 92 -10.54 -30.50 -15.70
C ALA A 92 -9.64 -31.65 -15.24
N GLY A 93 -9.92 -32.26 -14.09
CA GLY A 93 -9.19 -33.44 -13.65
C GLY A 93 -8.17 -33.22 -12.54
N ALA A 94 -8.24 -32.10 -11.81
CA ALA A 94 -7.37 -31.93 -10.67
C ALA A 94 -7.59 -33.05 -9.66
N THR A 95 -6.50 -33.45 -9.00
CA THR A 95 -6.56 -34.45 -7.92
C THR A 95 -6.55 -33.78 -6.55
N TYR A 96 -5.54 -32.95 -6.29
CA TYR A 96 -5.48 -32.13 -5.08
C TYR A 96 -5.74 -30.69 -5.48
N ILE A 97 -6.46 -29.96 -4.61
CA ILE A 97 -6.64 -28.52 -4.77
C ILE A 97 -6.32 -27.89 -3.43
N SER A 98 -5.29 -27.05 -3.38
CA SER A 98 -4.89 -26.33 -2.17
C SER A 98 -5.10 -24.83 -2.37
N PHE A 99 -5.35 -24.12 -1.27
CA PHE A 99 -5.62 -22.69 -1.39
C PHE A 99 -5.14 -22.01 -0.13
N HIS A 100 -5.05 -20.70 -0.20
CA HIS A 100 -4.60 -19.88 0.91
C HIS A 100 -5.82 -19.44 1.73
N PRO A 101 -5.85 -19.70 3.04
CA PRO A 101 -7.07 -19.34 3.78
C PRO A 101 -7.36 -17.86 3.73
N GLU A 102 -6.32 -17.01 3.63
CA GLU A 102 -6.53 -15.57 3.53
C GLU A 102 -7.35 -15.19 2.30
N ALA A 103 -7.38 -16.05 1.28
CA ALA A 103 -8.02 -15.74 0.01
C ALA A 103 -9.47 -16.19 -0.03
N SER A 104 -9.96 -16.85 1.02
CA SER A 104 -11.36 -17.29 1.04
C SER A 104 -12.07 -16.66 2.22
N ARG A 105 -13.27 -16.14 1.99
CA ARG A 105 -14.01 -15.62 3.14
C ARG A 105 -14.60 -16.70 4.02
N HIS A 106 -14.68 -17.93 3.53
CA HIS A 106 -15.33 -19.02 4.26
C HIS A 106 -14.48 -20.27 4.03
N VAL A 107 -13.39 -20.35 4.80
CA VAL A 107 -12.38 -21.39 4.59
C VAL A 107 -12.99 -22.78 4.73
N HIS A 108 -13.85 -22.99 5.73
CA HIS A 108 -14.43 -24.32 5.91
C HIS A 108 -15.30 -24.70 4.72
N ARG A 109 -16.08 -23.76 4.20
CA ARG A 109 -16.89 -24.03 3.03
C ARG A 109 -16.03 -24.36 1.81
N THR A 110 -14.92 -23.64 1.65
CA THR A 110 -14.06 -23.90 0.48
C THR A 110 -13.51 -25.32 0.53
N ILE A 111 -13.10 -25.76 1.72
CA ILE A 111 -12.64 -27.13 1.89
C ILE A 111 -13.77 -28.11 1.53
N GLN A 112 -14.96 -27.88 2.07
CA GLN A 112 -16.09 -28.77 1.80
CA GLN A 112 -16.10 -28.75 1.79
C GLN A 112 -16.41 -28.80 0.30
N LEU A 113 -16.28 -27.65 -0.38
CA LEU A 113 -16.56 -27.61 -1.81
C LEU A 113 -15.59 -28.50 -2.58
N ILE A 114 -14.29 -28.36 -2.31
CA ILE A 114 -13.28 -29.20 -2.93
C ILE A 114 -13.62 -30.67 -2.69
N ARG A 115 -13.89 -31.03 -1.44
CA ARG A 115 -14.19 -32.43 -1.13
C ARG A 115 -15.46 -32.90 -1.86
N SER A 116 -16.48 -32.03 -1.95
CA SER A 116 -17.73 -32.43 -2.59
C SER A 116 -17.57 -32.75 -4.07
N LEU A 117 -16.53 -32.22 -4.71
CA LEU A 117 -16.29 -32.46 -6.12
C LEU A 117 -15.39 -33.68 -6.32
N GLY A 118 -15.05 -34.38 -5.25
CA GLY A 118 -14.20 -35.55 -5.35
C GLY A 118 -12.73 -35.25 -5.34
N CYS A 119 -12.33 -34.03 -5.00
CA CYS A 119 -10.94 -33.65 -4.97
C CYS A 119 -10.44 -33.67 -3.53
N LYS A 120 -9.12 -33.61 -3.38
CA LYS A 120 -8.48 -33.72 -2.07
CA LYS A 120 -8.49 -33.72 -2.07
C LYS A 120 -8.03 -32.34 -1.63
N PRO A 121 -8.58 -31.80 -0.53
CA PRO A 121 -8.33 -30.38 -0.22
C PRO A 121 -7.03 -30.17 0.56
N GLY A 122 -6.38 -29.05 0.27
CA GLY A 122 -5.20 -28.65 1.00
C GLY A 122 -5.27 -27.18 1.40
N ILE A 123 -4.54 -26.86 2.47
CA ILE A 123 -4.39 -25.48 2.92
C ILE A 123 -2.92 -25.08 2.77
N VAL A 124 -2.67 -23.86 2.30
CA VAL A 124 -1.33 -23.34 2.08
C VAL A 124 -1.06 -22.26 3.11
N LEU A 125 0.08 -22.36 3.79
CA LEU A 125 0.56 -21.34 4.72
C LEU A 125 1.69 -20.55 4.07
N ASN A 126 1.48 -19.24 3.90
CA ASN A 126 2.56 -18.34 3.49
C ASN A 126 3.62 -18.29 4.58
N PRO A 127 4.82 -17.78 4.27
CA PRO A 127 5.90 -17.80 5.29
C PRO A 127 5.48 -17.19 6.63
N ALA A 128 4.69 -16.10 6.61
CA ALA A 128 4.32 -15.44 7.86
C ALA A 128 3.04 -15.98 8.50
N THR A 129 2.30 -16.84 7.80
CA THR A 129 0.96 -17.25 8.25
C THR A 129 1.07 -18.08 9.53
N PRO A 130 0.41 -17.67 10.63
CA PRO A 130 0.47 -18.48 11.85
C PRO A 130 -0.26 -19.80 11.69
N VAL A 131 0.22 -20.82 12.42
CA VAL A 131 -0.34 -22.15 12.23
C VAL A 131 -1.73 -22.31 12.81
N ASP A 132 -2.22 -21.36 13.62
CA ASP A 132 -3.51 -21.64 14.26
C ASP A 132 -4.68 -21.57 13.28
N ILE A 133 -4.47 -21.11 12.04
CA ILE A 133 -5.54 -21.25 11.06
C ILE A 133 -5.86 -22.72 10.80
N LEU A 134 -4.97 -23.66 11.17
CA LEU A 134 -5.28 -25.08 11.06
C LEU A 134 -6.12 -25.62 12.20
N ASP A 135 -6.35 -24.81 13.25
CA ASP A 135 -6.95 -25.31 14.49
C ASP A 135 -8.27 -26.04 14.26
N TRP A 136 -9.14 -25.49 13.40
CA TRP A 136 -10.50 -26.02 13.29
C TRP A 136 -10.76 -26.68 11.94
N VAL A 137 -9.74 -26.86 11.09
CA VAL A 137 -9.97 -27.48 9.79
C VAL A 137 -9.01 -28.63 9.50
N LEU A 138 -8.00 -28.82 10.34
CA LEU A 138 -6.94 -29.78 10.00
C LEU A 138 -7.48 -31.16 9.70
N ASP A 139 -8.44 -31.63 10.50
CA ASP A 139 -8.99 -32.98 10.28
C ASP A 139 -9.75 -33.10 8.96
N ASP A 140 -10.11 -31.99 8.33
CA ASP A 140 -10.83 -32.04 7.07
C ASP A 140 -9.91 -32.04 5.86
N LEU A 141 -8.59 -31.95 6.07
CA LEU A 141 -7.61 -31.75 5.01
C LEU A 141 -6.94 -33.05 4.64
N ASP A 142 -6.52 -33.12 3.37
CA ASP A 142 -5.63 -34.19 2.92
C ASP A 142 -4.20 -33.70 2.76
N LEU A 143 -3.97 -32.38 2.83
CA LEU A 143 -2.66 -31.83 2.55
C LEU A 143 -2.53 -30.48 3.24
N VAL A 144 -1.33 -30.21 3.77
CA VAL A 144 -0.93 -28.86 4.18
C VAL A 144 0.34 -28.50 3.42
N LEU A 145 0.36 -27.32 2.78
CA LEU A 145 1.54 -26.86 2.04
C LEU A 145 2.14 -25.66 2.75
N LEU A 146 3.44 -25.74 3.04
CA LEU A 146 4.19 -24.62 3.60
C LEU A 146 4.98 -23.98 2.47
N MET A 147 4.83 -22.67 2.30
CA MET A 147 5.64 -21.92 1.34
C MET A 147 6.96 -21.53 1.99
N SER A 148 8.07 -21.87 1.35
CA SER A 148 9.38 -21.49 1.82
C SER A 148 10.01 -20.41 0.94
N VAL A 149 9.21 -19.84 0.03
CA VAL A 149 9.51 -18.57 -0.65
C VAL A 149 8.22 -17.75 -0.63
N ASN A 150 8.31 -16.49 -1.01
CA ASN A 150 7.08 -15.73 -1.15
C ASN A 150 6.44 -16.05 -2.48
N PRO A 151 5.20 -16.54 -2.48
CA PRO A 151 4.61 -17.04 -3.74
C PRO A 151 4.38 -15.92 -4.72
N GLY A 152 4.66 -16.20 -5.99
CA GLY A 152 4.44 -15.24 -7.04
C GLY A 152 5.54 -14.23 -7.24
N PHE A 153 6.64 -14.30 -6.48
CA PHE A 153 7.73 -13.35 -6.63
C PHE A 153 8.97 -13.97 -7.27
N GLY A 154 8.85 -15.15 -7.87
CA GLY A 154 9.90 -15.67 -8.74
C GLY A 154 10.88 -16.61 -8.05
N GLY A 155 11.98 -16.86 -8.75
CA GLY A 155 13.01 -17.75 -8.23
C GLY A 155 13.65 -17.17 -6.98
N GLN A 156 13.55 -17.87 -5.86
CA GLN A 156 14.03 -17.34 -4.59
C GLN A 156 14.75 -18.42 -3.80
N ALA A 157 15.43 -17.98 -2.74
CA ALA A 157 16.10 -18.87 -1.83
C ALA A 157 15.16 -19.31 -0.71
N PHE A 158 15.30 -20.57 -0.34
CA PHE A 158 14.58 -21.15 0.79
C PHE A 158 14.68 -20.25 2.03
N ILE A 159 13.52 -19.94 2.62
CA ILE A 159 13.43 -19.14 3.83
C ILE A 159 13.68 -20.05 5.03
N PRO A 160 14.74 -19.84 5.80
CA PRO A 160 15.12 -20.81 6.85
C PRO A 160 14.03 -21.10 7.88
N SER A 161 13.19 -20.11 8.21
CA SER A 161 12.16 -20.36 9.23
C SER A 161 11.19 -21.45 8.82
N ALA A 162 11.08 -21.77 7.52
CA ALA A 162 10.21 -22.86 7.09
C ALA A 162 10.61 -24.18 7.74
N LEU A 163 11.89 -24.38 8.04
CA LEU A 163 12.30 -25.62 8.71
C LEU A 163 11.66 -25.71 10.09
N ASP A 164 11.64 -24.60 10.83
CA ASP A 164 11.02 -24.60 12.14
C ASP A 164 9.52 -24.77 12.03
N LYS A 165 8.89 -24.14 11.02
CA LYS A 165 7.44 -24.29 10.91
C LYS A 165 7.06 -25.69 10.46
N LEU A 166 7.88 -26.33 9.61
CA LEU A 166 7.64 -27.72 9.28
C LEU A 166 7.60 -28.60 10.53
N LYS A 167 8.52 -28.37 11.47
CA LYS A 167 8.53 -29.18 12.68
C LYS A 167 7.24 -29.01 13.48
N VAL A 168 6.74 -27.77 13.56
CA VAL A 168 5.50 -27.51 14.28
C VAL A 168 4.32 -28.20 13.59
N VAL A 169 4.23 -28.08 12.27
CA VAL A 169 3.08 -28.65 11.58
C VAL A 169 3.17 -30.16 11.53
N ARG A 170 4.38 -30.71 11.45
CA ARG A 170 4.56 -32.16 11.56
C ARG A 170 3.99 -32.68 12.87
N LYS A 171 4.28 -31.99 13.99
CA LYS A 171 3.72 -32.44 15.26
C LYS A 171 2.20 -32.37 15.24
N MET A 172 1.64 -31.32 14.64
CA MET A 172 0.18 -31.17 14.59
C MET A 172 -0.46 -32.29 13.78
N ILE A 173 0.10 -32.59 12.62
CA ILE A 173 -0.44 -33.67 11.82
C ILE A 173 -0.31 -34.99 12.55
N ASP A 174 0.84 -35.24 13.18
CA ASP A 174 1.01 -36.50 13.90
C ASP A 174 -0.01 -36.62 15.03
N ALA A 175 -0.28 -35.53 15.75
CA ALA A 175 -1.23 -35.58 16.85
C ALA A 175 -2.66 -35.80 16.36
N SER A 176 -2.96 -35.38 15.13
CA SER A 176 -4.31 -35.55 14.59
C SER A 176 -4.62 -37.01 14.31
N GLY A 177 -3.60 -37.83 14.07
CA GLY A 177 -3.81 -39.20 13.67
C GLY A 177 -4.31 -39.38 12.26
N LYS A 178 -4.47 -38.31 11.48
CA LYS A 178 -4.97 -38.38 10.13
C LYS A 178 -3.83 -38.48 9.13
N ASP A 179 -4.14 -39.04 7.97
CA ASP A 179 -3.20 -39.17 6.86
C ASP A 179 -3.23 -37.87 6.07
N ILE A 180 -2.35 -36.93 6.41
CA ILE A 180 -2.30 -35.61 5.79
C ILE A 180 -0.89 -35.38 5.25
N ARG A 181 -0.79 -35.09 3.95
CA ARG A 181 0.52 -34.81 3.35
CA ARG A 181 0.51 -34.80 3.36
C ARG A 181 1.07 -33.50 3.91
N LEU A 182 2.38 -33.46 4.16
CA LEU A 182 3.03 -32.21 4.56
C LEU A 182 3.94 -31.81 3.42
N GLU A 183 3.49 -30.82 2.64
CA GLU A 183 4.17 -30.43 1.41
C GLU A 183 4.99 -29.16 1.65
N ILE A 184 6.08 -29.03 0.90
CA ILE A 184 6.97 -27.87 0.98
C ILE A 184 7.21 -27.36 -0.44
N ASP A 185 7.23 -26.04 -0.61
CA ASP A 185 7.41 -25.45 -1.93
C ASP A 185 8.20 -24.16 -1.82
N GLY A 186 9.34 -24.10 -2.51
CA GLY A 186 10.11 -22.87 -2.61
C GLY A 186 11.59 -23.08 -2.35
N GLY A 187 12.41 -23.02 -3.40
CA GLY A 187 13.84 -23.17 -3.22
C GLY A 187 14.30 -24.54 -2.77
N VAL A 188 13.50 -25.58 -3.01
CA VAL A 188 13.89 -26.95 -2.67
C VAL A 188 14.86 -27.44 -3.72
N LYS A 189 16.02 -27.93 -3.31
CA LYS A 189 16.97 -28.45 -4.27
C LYS A 189 17.68 -29.66 -3.68
N ALA A 190 18.51 -30.30 -4.51
CA ALA A 190 19.14 -31.53 -4.07
C ALA A 190 19.93 -31.33 -2.77
N ASP A 191 20.62 -30.19 -2.63
CA ASP A 191 21.51 -30.08 -1.48
C ASP A 191 20.83 -29.61 -0.20
N ASN A 192 19.54 -29.27 -0.23
CA ASN A 192 18.85 -29.01 1.02
C ASN A 192 17.64 -29.91 1.27
N ILE A 193 17.32 -30.82 0.34
CA ILE A 193 16.07 -31.59 0.50
C ILE A 193 16.19 -32.56 1.68
N GLY A 194 17.40 -33.01 2.01
CA GLY A 194 17.58 -33.88 3.16
C GLY A 194 17.17 -33.20 4.46
N GLU A 195 17.69 -31.99 4.68
CA GLU A 195 17.34 -31.24 5.88
C GLU A 195 15.85 -30.92 5.93
N ILE A 196 15.26 -30.63 4.78
CA ILE A 196 13.84 -30.30 4.74
C ILE A 196 13.01 -31.53 5.11
N ALA A 197 13.40 -32.70 4.60
CA ALA A 197 12.71 -33.93 4.98
C ALA A 197 12.87 -34.19 6.47
N ALA A 198 14.07 -33.98 7.01
CA ALA A 198 14.27 -34.19 8.45
C ALA A 198 13.38 -33.29 9.27
N ALA A 199 13.07 -32.10 8.76
CA ALA A 199 12.20 -31.19 9.50
C ALA A 199 10.76 -31.66 9.50
N GLY A 200 10.39 -32.54 8.57
CA GLY A 200 9.07 -33.15 8.63
C GLY A 200 8.30 -33.21 7.33
N ALA A 201 8.78 -32.56 6.28
CA ALA A 201 8.08 -32.61 5.00
C ALA A 201 8.14 -34.03 4.42
N ASP A 202 7.05 -34.44 3.76
CA ASP A 202 7.07 -35.71 3.05
C ASP A 202 6.63 -35.59 1.59
N THR A 203 6.32 -34.37 1.13
CA THR A 203 5.89 -34.12 -0.24
C THR A 203 6.66 -32.91 -0.73
N PHE A 204 7.46 -33.06 -1.79
CA PHE A 204 8.48 -32.08 -2.11
C PHE A 204 8.21 -31.47 -3.48
N VAL A 205 7.96 -30.16 -3.50
CA VAL A 205 7.77 -29.42 -4.75
C VAL A 205 9.10 -28.79 -5.14
N ALA A 206 9.56 -29.06 -6.35
CA ALA A 206 10.75 -28.41 -6.87
C ALA A 206 10.49 -28.03 -8.32
N GLY A 207 10.97 -26.87 -8.72
CA GLY A 207 10.72 -26.41 -10.06
C GLY A 207 12.04 -26.31 -10.79
N SER A 208 12.76 -25.23 -10.53
N SER A 208 12.75 -25.22 -10.52
CA SER A 208 14.02 -24.98 -11.23
CA SER A 208 14.02 -24.96 -11.20
C SER A 208 15.02 -26.11 -10.99
C SER A 208 15.03 -26.09 -10.98
N ALA A 209 15.07 -26.66 -9.77
CA ALA A 209 16.06 -27.69 -9.48
C ALA A 209 15.90 -28.93 -10.35
N ILE A 210 14.68 -29.20 -10.82
CA ILE A 210 14.43 -30.35 -11.70
C ILE A 210 14.44 -29.90 -13.16
N PHE A 211 13.58 -28.95 -13.53
CA PHE A 211 13.40 -28.63 -14.95
C PHE A 211 14.52 -27.80 -15.54
N ASN A 212 15.25 -27.04 -14.73
CA ASN A 212 16.36 -26.23 -15.23
C ASN A 212 17.72 -26.77 -14.78
N ALA A 213 17.77 -28.03 -14.38
CA ALA A 213 19.00 -28.60 -13.87
C ALA A 213 19.98 -28.87 -14.99
N LYS A 214 21.26 -28.92 -14.63
CA LYS A 214 22.31 -29.29 -15.56
C LYS A 214 22.37 -30.79 -15.80
N THR A 215 21.70 -31.60 -14.98
CA THR A 215 21.62 -33.03 -15.23
C THR A 215 20.19 -33.43 -15.59
N SER A 216 20.03 -34.69 -15.96
CA SER A 216 18.75 -35.18 -16.46
C SER A 216 17.70 -35.20 -15.34
N TYR A 217 16.42 -35.24 -15.75
CA TYR A 217 15.37 -35.37 -14.75
C TYR A 217 15.55 -36.65 -13.93
N GLN A 218 15.89 -37.75 -14.59
CA GLN A 218 16.01 -39.01 -13.86
C GLN A 218 17.16 -38.94 -12.85
N ASP A 219 18.25 -38.25 -13.20
CA ASP A 219 19.35 -38.16 -12.24
C ASP A 219 18.99 -37.25 -11.05
N VAL A 220 18.38 -36.09 -11.31
CA VAL A 220 18.07 -35.20 -10.19
C VAL A 220 17.08 -35.87 -9.24
N ILE A 221 16.05 -36.51 -9.79
CA ILE A 221 15.03 -37.10 -8.93
C ILE A 221 15.63 -38.25 -8.11
N ALA A 222 16.50 -39.04 -8.72
CA ALA A 222 17.17 -40.11 -7.97
C ALA A 222 18.05 -39.54 -6.87
N GLN A 223 18.78 -38.46 -7.16
CA GLN A 223 19.61 -37.84 -6.12
C GLN A 223 18.76 -37.29 -4.99
N MET A 224 17.64 -36.63 -5.32
CA MET A 224 16.74 -36.11 -4.31
C MET A 224 16.23 -37.23 -3.41
N ARG A 225 15.78 -38.33 -4.03
CA ARG A 225 15.28 -39.46 -3.24
C ARG A 225 16.35 -40.04 -2.33
N ALA A 226 17.57 -40.21 -2.86
CA ALA A 226 18.66 -40.73 -2.03
C ALA A 226 18.96 -39.80 -0.86
N ASN A 227 18.92 -38.48 -1.09
CA ASN A 227 19.23 -37.53 -0.03
C ASN A 227 18.14 -37.52 1.04
N VAL A 228 16.88 -37.67 0.63
CA VAL A 228 15.79 -37.75 1.60
C VAL A 228 15.91 -39.02 2.43
N ALA A 229 16.20 -40.15 1.77
CA ALA A 229 16.31 -41.41 2.51
C ALA A 229 17.45 -41.35 3.51
N ALA A 230 18.57 -40.73 3.14
CA ALA A 230 19.71 -40.63 4.04
C ALA A 230 19.45 -39.70 5.22
N ALA A 231 18.53 -38.76 5.08
CA ALA A 231 18.25 -37.81 6.15
C ALA A 231 17.22 -38.33 7.15
N ARG A 232 16.46 -39.36 6.77
CA ARG A 232 15.49 -39.96 7.68
C ARG A 232 16.13 -41.11 8.45
N CYS B 12 -7.22 34.49 -18.08
CA CYS B 12 -8.23 34.83 -17.08
C CYS B 12 -7.77 34.41 -15.66
N LEU B 13 -7.86 33.15 -15.24
CA LEU B 13 -7.48 32.77 -13.87
C LEU B 13 -6.27 31.86 -13.84
N ILE B 14 -5.32 32.16 -12.95
CA ILE B 14 -4.10 31.36 -12.80
C ILE B 14 -4.17 30.59 -11.48
N ALA B 15 -4.04 29.27 -11.56
CA ALA B 15 -4.22 28.39 -10.41
C ALA B 15 -3.02 27.46 -10.25
N PRO B 16 -1.95 27.93 -9.61
CA PRO B 16 -0.74 27.09 -9.48
C PRO B 16 -0.99 25.83 -8.66
N SER B 17 -0.45 24.72 -9.13
CA SER B 17 -0.50 23.45 -8.39
CA SER B 17 -0.53 23.48 -8.36
C SER B 17 0.62 23.41 -7.36
N ILE B 18 0.28 23.14 -6.10
CA ILE B 18 1.30 23.18 -5.04
C ILE B 18 2.06 21.88 -4.89
N LEU B 19 1.75 20.85 -5.69
CA LEU B 19 2.58 19.64 -5.69
C LEU B 19 4.04 19.94 -5.94
N SER B 20 4.34 21.02 -6.66
CA SER B 20 5.70 21.41 -7.00
C SER B 20 6.33 22.37 -6.00
N ALA B 21 5.58 22.80 -4.98
CA ALA B 21 6.11 23.77 -4.02
C ALA B 21 6.93 23.08 -2.94
N ASN B 22 7.59 23.91 -2.12
CA ASN B 22 8.36 23.43 -0.97
C ASN B 22 7.40 23.13 0.19
N PHE B 23 7.11 21.85 0.42
CA PHE B 23 6.16 21.50 1.48
C PHE B 23 6.72 21.70 2.87
N ALA B 24 8.01 21.98 3.01
CA ALA B 24 8.53 22.37 4.31
C ALA B 24 8.20 23.81 4.65
N ARG B 25 7.82 24.63 3.66
CA ARG B 25 7.46 26.03 3.89
C ARG B 25 6.24 26.36 3.04
N LEU B 26 5.19 25.56 3.20
CA LEU B 26 4.05 25.63 2.30
C LEU B 26 3.30 26.95 2.43
N GLY B 27 3.14 27.44 3.67
CA GLY B 27 2.48 28.72 3.85
C GLY B 27 3.20 29.86 3.15
N GLU B 28 4.53 29.90 3.28
CA GLU B 28 5.33 30.91 2.57
C GLU B 28 5.15 30.78 1.07
N GLU B 29 5.19 29.56 0.55
CA GLU B 29 5.09 29.33 -0.89
C GLU B 29 3.76 29.83 -1.43
N VAL B 30 2.67 29.49 -0.73
CA VAL B 30 1.35 29.89 -1.16
C VAL B 30 1.18 31.39 -1.02
N ASP B 31 1.58 31.96 0.12
CA ASP B 31 1.53 33.41 0.28
C ASP B 31 2.25 34.10 -0.85
N ASN B 32 3.44 33.61 -1.21
CA ASN B 32 4.25 34.29 -2.21
CA ASN B 32 4.26 34.28 -2.21
C ASN B 32 3.69 34.10 -3.61
N VAL B 33 3.15 32.91 -3.93
CA VAL B 33 2.64 32.73 -5.28
C VAL B 33 1.36 33.53 -5.51
N LEU B 34 0.55 33.72 -4.47
CA LEU B 34 -0.63 34.58 -4.60
C LEU B 34 -0.22 36.04 -4.71
N ALA B 35 0.75 36.48 -3.90
CA ALA B 35 1.27 37.84 -4.07
C ALA B 35 1.82 38.04 -5.48
N ALA B 36 2.41 37.00 -6.06
CA ALA B 36 3.03 37.09 -7.37
C ALA B 36 2.02 37.13 -8.51
N GLY B 37 0.73 37.01 -8.21
CA GLY B 37 -0.29 37.16 -9.23
C GLY B 37 -1.21 35.97 -9.40
N ALA B 38 -1.01 34.86 -8.69
CA ALA B 38 -1.92 33.74 -8.80
C ALA B 38 -3.28 34.11 -8.22
N ASP B 39 -4.35 33.51 -8.76
CA ASP B 39 -5.71 33.73 -8.29
C ASP B 39 -6.19 32.66 -7.32
N TRP B 40 -5.89 31.39 -7.62
CA TRP B 40 -6.36 30.25 -6.87
C TRP B 40 -5.17 29.40 -6.44
N VAL B 41 -5.38 28.61 -5.40
CA VAL B 41 -4.44 27.56 -5.00
C VAL B 41 -5.01 26.23 -5.51
N HIS B 42 -4.32 25.57 -6.44
CA HIS B 42 -4.81 24.29 -6.96
C HIS B 42 -4.20 23.15 -6.14
N PHE B 43 -5.06 22.27 -5.65
CA PHE B 43 -4.72 21.35 -4.57
C PHE B 43 -5.02 19.95 -5.11
N ASP B 44 -3.98 19.20 -5.50
CA ASP B 44 -4.13 17.88 -6.10
C ASP B 44 -4.10 16.79 -5.05
N VAL B 45 -5.20 16.03 -4.95
CA VAL B 45 -5.42 15.08 -3.88
C VAL B 45 -5.38 13.69 -4.51
N MET B 46 -4.43 12.87 -4.10
CA MET B 46 -4.28 11.52 -4.66
C MET B 46 -4.31 10.51 -3.54
N ASP B 47 -5.08 9.42 -3.71
CA ASP B 47 -5.27 8.47 -2.62
C ASP B 47 -4.53 7.15 -2.81
N ASN B 48 -3.61 7.06 -3.77
CA ASN B 48 -2.82 5.86 -4.04
C ASN B 48 -3.66 4.76 -4.68
N HIS B 49 -4.94 5.00 -4.93
CA HIS B 49 -5.78 3.99 -5.56
C HIS B 49 -6.28 4.45 -6.92
N TYR B 50 -6.86 5.64 -7.02
CA TYR B 50 -7.31 6.13 -8.30
C TYR B 50 -6.13 6.44 -9.22
N VAL B 51 -5.02 6.85 -8.63
CA VAL B 51 -3.74 7.07 -9.32
C VAL B 51 -2.63 6.51 -8.44
N PRO B 52 -1.48 6.19 -9.02
CA PRO B 52 -0.41 5.52 -8.25
C PRO B 52 0.49 6.51 -7.49
N ASN B 53 -0.13 7.36 -6.67
CA ASN B 53 0.61 8.29 -5.85
C ASN B 53 -0.32 8.73 -4.73
N LEU B 54 0.28 9.22 -3.65
CA LEU B 54 -0.45 9.72 -2.48
C LEU B 54 0.09 11.10 -2.17
N THR B 55 -0.78 12.11 -2.09
CA THR B 55 -0.26 13.48 -1.92
C THR B 55 -0.66 14.09 -0.58
N ILE B 56 -1.77 14.83 -0.53
CA ILE B 56 -2.10 15.64 0.64
C ILE B 56 -3.61 15.64 0.86
N GLY B 57 -4.02 15.61 2.12
CA GLY B 57 -5.42 15.50 2.45
C GLY B 57 -5.99 16.76 3.08
N PRO B 58 -7.19 16.63 3.63
CA PRO B 58 -7.89 17.81 4.17
C PRO B 58 -7.11 18.59 5.21
N MET B 59 -6.28 17.93 6.03
CA MET B 59 -5.56 18.67 7.07
C MET B 59 -4.66 19.73 6.48
N VAL B 60 -4.15 19.51 5.27
CA VAL B 60 -3.26 20.49 4.67
C VAL B 60 -4.05 21.70 4.16
N CYS B 61 -5.25 21.46 3.62
CA CYS B 61 -6.15 22.56 3.25
C CYS B 61 -6.52 23.39 4.47
N GLN B 62 -6.89 22.72 5.56
CA GLN B 62 -7.23 23.44 6.78
CA GLN B 62 -7.23 23.42 6.79
C GLN B 62 -6.04 24.25 7.28
N ALA B 63 -4.82 23.70 7.17
CA ALA B 63 -3.65 24.43 7.63
C ALA B 63 -3.46 25.74 6.85
N LEU B 64 -3.74 25.72 5.54
CA LEU B 64 -3.63 26.94 4.76
C LEU B 64 -4.66 27.98 5.18
N ARG B 65 -5.89 27.55 5.45
CA ARG B 65 -6.91 28.48 5.94
C ARG B 65 -6.50 29.08 7.29
N LYS B 66 -6.01 28.24 8.20
CA LYS B 66 -5.61 28.73 9.51
C LYS B 66 -4.42 29.68 9.41
N HIS B 67 -3.57 29.46 8.40
CA HIS B 67 -2.42 30.33 8.15
C HIS B 67 -2.85 31.70 7.63
N GLY B 68 -4.10 31.84 7.18
CA GLY B 68 -4.60 33.10 6.69
C GLY B 68 -4.85 33.18 5.21
N VAL B 69 -4.75 32.07 4.46
CA VAL B 69 -5.02 32.11 3.02
C VAL B 69 -6.52 32.28 2.82
N THR B 70 -6.89 33.32 2.07
CA THR B 70 -8.30 33.58 1.76
C THR B 70 -8.63 33.40 0.29
N ALA B 71 -7.64 33.15 -0.57
CA ALA B 71 -7.90 32.91 -1.97
C ALA B 71 -8.65 31.60 -2.15
N PRO B 72 -9.36 31.44 -3.28
CA PRO B 72 -10.04 30.17 -3.52
C PRO B 72 -9.05 29.02 -3.52
N ILE B 73 -9.43 27.94 -2.85
CA ILE B 73 -8.67 26.70 -2.86
C ILE B 73 -9.44 25.73 -3.74
N ASP B 74 -8.78 25.26 -4.78
CA ASP B 74 -9.40 24.49 -5.86
C ASP B 74 -8.92 23.05 -5.68
N VAL B 75 -9.77 22.20 -5.11
CA VAL B 75 -9.37 20.85 -4.71
C VAL B 75 -9.74 19.88 -5.82
N HIS B 76 -8.73 19.25 -6.41
CA HIS B 76 -8.93 18.27 -7.48
C HIS B 76 -8.76 16.89 -6.85
N LEU B 77 -9.86 16.12 -6.75
CA LEU B 77 -9.85 14.80 -6.13
C LEU B 77 -9.48 13.75 -7.18
N MET B 78 -8.25 13.25 -7.09
CA MET B 78 -7.87 12.02 -7.79
C MET B 78 -7.93 10.86 -6.80
N VAL B 79 -9.16 10.60 -6.34
CA VAL B 79 -9.42 9.59 -5.32
C VAL B 79 -10.66 8.82 -5.76
N GLU B 80 -10.76 7.60 -5.25
CA GLU B 80 -11.90 6.75 -5.57
C GLU B 80 -12.12 5.77 -4.43
N PRO B 81 -13.32 5.70 -3.83
CA PRO B 81 -14.51 6.55 -4.09
C PRO B 81 -14.31 7.96 -3.56
N VAL B 82 -15.29 8.84 -3.79
CA VAL B 82 -15.08 10.25 -3.48
CA VAL B 82 -15.15 10.28 -3.56
C VAL B 82 -15.98 10.78 -2.37
N ASP B 83 -17.14 10.17 -2.10
CA ASP B 83 -18.11 10.90 -1.27
C ASP B 83 -17.65 11.07 0.17
N ARG B 84 -16.98 10.08 0.77
CA ARG B 84 -16.70 10.20 2.20
C ARG B 84 -15.80 11.41 2.49
N ILE B 85 -14.81 11.65 1.64
CA ILE B 85 -13.83 12.69 1.96
C ILE B 85 -14.33 14.08 1.59
N ILE B 86 -15.37 14.19 0.77
CA ILE B 86 -15.83 15.51 0.35
C ILE B 86 -16.24 16.38 1.53
N PRO B 87 -17.03 15.91 2.50
CA PRO B 87 -17.34 16.78 3.65
C PRO B 87 -16.11 17.20 4.42
N ASP B 88 -15.06 16.39 4.46
CA ASP B 88 -13.85 16.79 5.17
C ASP B 88 -13.16 17.96 4.45
N PHE B 89 -13.18 17.95 3.10
CA PHE B 89 -12.60 19.09 2.40
C PHE B 89 -13.46 20.35 2.53
N ALA B 90 -14.78 20.19 2.55
CA ALA B 90 -15.64 21.35 2.79
C ALA B 90 -15.33 21.96 4.16
N GLU B 91 -15.22 21.11 5.17
CA GLU B 91 -14.96 21.60 6.52
CA GLU B 91 -14.95 21.57 6.53
C GLU B 91 -13.60 22.28 6.61
N ALA B 92 -12.63 21.79 5.84
CA ALA B 92 -11.27 22.32 5.82
C ALA B 92 -11.18 23.62 5.04
N GLY B 93 -12.24 24.04 4.35
CA GLY B 93 -12.25 25.33 3.68
C GLY B 93 -12.03 25.30 2.17
N ALA B 94 -12.21 24.14 1.53
CA ALA B 94 -12.14 24.10 0.08
C ALA B 94 -13.18 25.03 -0.54
N THR B 95 -12.82 25.63 -1.67
CA THR B 95 -13.73 26.48 -2.42
C THR B 95 -14.38 25.71 -3.58
N TYR B 96 -13.56 25.15 -4.46
CA TYR B 96 -14.01 24.26 -5.54
C TYR B 96 -13.61 22.85 -5.17
N ILE B 97 -14.45 21.88 -5.52
CA ILE B 97 -14.10 20.48 -5.38
C ILE B 97 -14.45 19.81 -6.71
N SER B 98 -13.44 19.27 -7.39
CA SER B 98 -13.67 18.57 -8.66
C SER B 98 -13.33 17.10 -8.49
N PHE B 99 -13.97 16.26 -9.30
CA PHE B 99 -13.74 14.83 -9.19
C PHE B 99 -13.92 14.20 -10.56
N HIS B 100 -13.46 12.97 -10.68
CA HIS B 100 -13.55 12.20 -11.91
C HIS B 100 -14.84 11.39 -11.91
N PRO B 101 -15.69 11.52 -12.92
CA PRO B 101 -16.97 10.79 -12.87
C PRO B 101 -16.77 9.30 -12.78
N GLU B 102 -15.70 8.75 -13.37
CA GLU B 102 -15.43 7.32 -13.25
C GLU B 102 -15.24 6.88 -11.81
N ALA B 103 -14.91 7.81 -10.91
CA ALA B 103 -14.57 7.46 -9.54
C ALA B 103 -15.77 7.49 -8.62
N SER B 104 -16.93 7.90 -9.12
CA SER B 104 -18.16 7.94 -8.32
C SER B 104 -19.20 7.04 -8.96
N ARG B 105 -19.91 6.23 -8.15
CA ARG B 105 -21.00 5.44 -8.70
C ARG B 105 -22.25 6.27 -8.96
N HIS B 106 -22.32 7.51 -8.43
CA HIS B 106 -23.55 8.31 -8.55
C HIS B 106 -23.10 9.74 -8.75
N VAL B 107 -22.74 10.04 -10.00
CA VAL B 107 -22.12 11.33 -10.33
C VAL B 107 -23.04 12.49 -9.94
N HIS B 108 -24.32 12.38 -10.26
CA HIS B 108 -25.23 13.48 -9.94
C HIS B 108 -25.29 13.73 -8.44
N ARG B 109 -25.34 12.65 -7.64
CA ARG B 109 -25.36 12.82 -6.19
C ARG B 109 -24.07 13.46 -5.68
N THR B 110 -22.92 13.07 -6.23
CA THR B 110 -21.66 13.65 -5.77
C THR B 110 -21.63 15.16 -6.03
N ILE B 111 -22.09 15.59 -7.20
CA ILE B 111 -22.23 17.02 -7.48
C ILE B 111 -23.14 17.69 -6.46
N GLN B 112 -24.31 17.10 -6.20
CA GLN B 112 -25.24 17.66 -5.23
CA GLN B 112 -25.24 17.69 -5.25
C GLN B 112 -24.61 17.78 -3.85
N LEU B 113 -23.84 16.77 -3.47
CA LEU B 113 -23.22 16.75 -2.16
C LEU B 113 -22.25 17.91 -2.01
N ILE B 114 -21.37 18.09 -3.01
CA ILE B 114 -20.44 19.21 -3.00
C ILE B 114 -21.18 20.53 -2.84
N ARG B 115 -22.19 20.75 -3.67
CA ARG B 115 -22.94 22.01 -3.59
C ARG B 115 -23.64 22.18 -2.24
N SER B 116 -24.19 21.10 -1.69
CA SER B 116 -24.95 21.20 -0.45
C SER B 116 -24.08 21.68 0.72
N LEU B 117 -22.78 21.46 0.63
CA LEU B 117 -21.81 21.86 1.64
C LEU B 117 -21.29 23.28 1.43
N GLY B 118 -21.78 23.98 0.41
CA GLY B 118 -21.30 25.31 0.13
C GLY B 118 -20.08 25.37 -0.76
N CYS B 119 -19.71 24.27 -1.43
CA CYS B 119 -18.56 24.24 -2.31
C CYS B 119 -19.01 24.25 -3.76
N LYS B 120 -18.08 24.61 -4.66
CA LYS B 120 -18.40 24.74 -6.07
C LYS B 120 -17.96 23.47 -6.82
N PRO B 121 -18.89 22.70 -7.42
CA PRO B 121 -18.53 21.38 -7.95
C PRO B 121 -17.94 21.45 -9.34
N GLY B 122 -16.97 20.56 -9.57
CA GLY B 122 -16.35 20.45 -10.87
C GLY B 122 -16.26 18.99 -11.27
N ILE B 123 -16.20 18.78 -12.58
CA ILE B 123 -15.96 17.46 -13.17
C ILE B 123 -14.64 17.51 -13.91
N VAL B 124 -13.85 16.43 -13.79
CA VAL B 124 -12.55 16.31 -14.44
C VAL B 124 -12.66 15.25 -15.53
N LEU B 125 -12.20 15.58 -16.73
CA LEU B 125 -12.12 14.62 -17.83
C LEU B 125 -10.67 14.20 -18.02
N ASN B 126 -10.39 12.91 -17.86
CA ASN B 126 -9.10 12.38 -18.24
C ASN B 126 -8.91 12.51 -19.75
N PRO B 127 -7.68 12.39 -20.25
CA PRO B 127 -7.45 12.59 -21.69
C PRO B 127 -8.36 11.75 -22.58
N ALA B 128 -8.66 10.50 -22.22
CA ALA B 128 -9.52 9.64 -23.06
C ALA B 128 -11.01 9.78 -22.77
N THR B 129 -11.39 10.46 -21.72
CA THR B 129 -12.81 10.47 -21.28
C THR B 129 -13.69 11.18 -22.30
N PRO B 130 -14.71 10.53 -22.86
CA PRO B 130 -15.58 11.21 -23.82
C PRO B 130 -16.40 12.30 -23.15
N VAL B 131 -16.75 13.32 -23.93
CA VAL B 131 -17.43 14.48 -23.34
C VAL B 131 -18.90 14.23 -23.03
N ASP B 132 -19.47 13.11 -23.46
CA ASP B 132 -20.91 12.98 -23.21
C ASP B 132 -21.24 12.71 -21.74
N ILE B 133 -20.25 12.44 -20.88
CA ILE B 133 -20.55 12.39 -19.45
C ILE B 133 -21.01 13.75 -18.94
N LEU B 134 -20.79 14.83 -19.70
CA LEU B 134 -21.33 16.13 -19.32
C LEU B 134 -22.79 16.32 -19.72
N ASP B 135 -23.36 15.42 -20.54
CA ASP B 135 -24.66 15.65 -21.17
C ASP B 135 -25.75 16.03 -20.16
N TRP B 136 -25.80 15.34 -19.03
CA TRP B 136 -26.91 15.51 -18.11
C TRP B 136 -26.52 16.17 -16.80
N VAL B 137 -25.28 16.66 -16.68
CA VAL B 137 -24.87 17.31 -15.43
C VAL B 137 -24.25 18.68 -15.66
N LEU B 138 -24.03 19.07 -16.93
CA LEU B 138 -23.24 20.28 -17.18
C LEU B 138 -23.84 21.51 -16.49
N ASP B 139 -25.17 21.65 -16.55
CA ASP B 139 -25.81 22.83 -15.94
C ASP B 139 -25.65 22.87 -14.43
N ASP B 140 -25.30 21.76 -13.79
CA ASP B 140 -25.10 21.71 -12.35
C ASP B 140 -23.67 22.02 -11.95
N LEU B 141 -22.77 22.21 -12.92
CA LEU B 141 -21.35 22.35 -12.65
C LEU B 141 -20.92 23.81 -12.61
N ASP B 142 -19.91 24.10 -11.77
CA ASP B 142 -19.23 25.38 -11.80
C ASP B 142 -17.90 25.32 -12.53
N LEU B 143 -17.41 24.11 -12.82
CA LEU B 143 -16.09 23.97 -13.40
C LEU B 143 -16.01 22.64 -14.14
N VAL B 144 -15.33 22.66 -15.29
CA VAL B 144 -14.88 21.46 -15.98
C VAL B 144 -13.36 21.54 -16.14
N LEU B 145 -12.66 20.50 -15.73
CA LEU B 145 -11.21 20.41 -15.84
C LEU B 145 -10.88 19.35 -16.88
N LEU B 146 -10.07 19.72 -17.87
CA LEU B 146 -9.53 18.78 -18.84
C LEU B 146 -8.10 18.51 -18.44
N MET B 147 -7.74 17.23 -18.30
CA MET B 147 -6.36 16.81 -18.05
C MET B 147 -5.63 16.73 -19.37
N SER B 148 -4.48 17.41 -19.46
CA SER B 148 -3.63 17.34 -20.64
C SER B 148 -2.35 16.55 -20.37
N VAL B 149 -2.30 15.86 -19.23
CA VAL B 149 -1.35 14.79 -18.95
C VAL B 149 -2.15 13.68 -18.26
N ASN B 150 -1.54 12.52 -18.10
CA ASN B 150 -2.24 11.50 -17.30
C ASN B 150 -2.05 11.76 -15.82
N PRO B 151 -3.12 11.93 -15.06
CA PRO B 151 -2.98 12.35 -13.66
C PRO B 151 -2.27 11.30 -12.82
N GLY B 152 -1.39 11.77 -11.96
CA GLY B 152 -0.69 10.91 -11.04
C GLY B 152 0.53 10.21 -11.60
N PHE B 153 0.89 10.47 -12.86
CA PHE B 153 2.06 9.82 -13.44
C PHE B 153 3.24 10.77 -13.64
N GLY B 154 3.20 11.95 -13.03
CA GLY B 154 4.39 12.79 -12.93
C GLY B 154 4.50 13.85 -14.01
N GLY B 155 5.71 14.40 -14.11
CA GLY B 155 5.99 15.43 -15.10
C GLY B 155 5.90 14.89 -16.51
N GLN B 156 4.99 15.43 -17.31
CA GLN B 156 4.74 14.92 -18.66
C GLN B 156 4.56 16.10 -19.61
N ALA B 157 4.55 15.78 -20.89
CA ALA B 157 4.31 16.78 -21.93
C ALA B 157 2.81 16.91 -22.18
N PHE B 158 2.40 18.14 -22.43
CA PHE B 158 1.03 18.43 -22.86
C PHE B 158 0.62 17.48 -23.97
N ILE B 159 -0.55 16.85 -23.81
CA ILE B 159 -1.13 15.95 -24.79
C ILE B 159 -1.86 16.78 -25.84
N PRO B 160 -1.44 16.77 -27.10
CA PRO B 160 -2.01 17.71 -28.09
C PRO B 160 -3.51 17.60 -28.26
N SER B 161 -4.09 16.41 -28.12
CA SER B 161 -5.53 16.27 -28.35
C SER B 161 -6.37 17.10 -27.37
N ALA B 162 -5.78 17.49 -26.21
CA ALA B 162 -6.50 18.36 -25.29
C ALA B 162 -6.89 19.68 -25.94
N LEU B 163 -6.11 20.17 -26.92
CA LEU B 163 -6.50 21.40 -27.60
C LEU B 163 -7.82 21.21 -28.34
N ASP B 164 -7.97 20.07 -29.01
CA ASP B 164 -9.22 19.80 -29.72
C ASP B 164 -10.36 19.57 -28.74
N LYS B 165 -10.09 18.91 -27.60
CA LYS B 165 -11.17 18.66 -26.65
C LYS B 165 -11.58 19.95 -25.95
N LEU B 166 -10.63 20.84 -25.68
CA LEU B 166 -10.98 22.15 -25.15
C LEU B 166 -11.98 22.88 -26.05
N LYS B 167 -11.75 22.84 -27.38
CA LYS B 167 -12.67 23.52 -28.29
C LYS B 167 -14.07 22.92 -28.22
N VAL B 168 -14.16 21.59 -28.08
CA VAL B 168 -15.48 20.95 -27.95
C VAL B 168 -16.18 21.38 -26.67
N VAL B 169 -15.48 21.35 -25.54
CA VAL B 169 -16.12 21.66 -24.27
C VAL B 169 -16.42 23.15 -24.16
N ARG B 170 -15.57 24.01 -24.75
CA ARG B 170 -15.89 25.43 -24.82
C ARG B 170 -17.22 25.68 -25.53
N LYS B 171 -17.45 24.99 -26.65
CA LYS B 171 -18.73 25.13 -27.34
C LYS B 171 -19.88 24.67 -26.46
N MET B 172 -19.70 23.57 -25.73
CA MET B 172 -20.76 23.08 -24.86
C MET B 172 -21.07 24.07 -23.75
N ILE B 173 -20.04 24.63 -23.12
CA ILE B 173 -20.27 25.60 -22.05
C ILE B 173 -20.94 26.84 -22.59
N ASP B 174 -20.47 27.34 -23.74
CA ASP B 174 -21.07 28.52 -24.33
C ASP B 174 -22.53 28.27 -24.69
N ALA B 175 -22.85 27.07 -25.20
CA ALA B 175 -24.23 26.77 -25.56
C ALA B 175 -25.12 26.67 -24.33
N SER B 176 -24.55 26.31 -23.18
CA SER B 176 -25.33 26.19 -21.95
C SER B 176 -25.77 27.55 -21.42
N GLY B 177 -25.04 28.61 -21.75
CA GLY B 177 -25.32 29.92 -21.19
C GLY B 177 -24.95 30.09 -19.74
N LYS B 178 -24.34 29.10 -19.12
CA LYS B 178 -23.96 29.15 -17.71
C LYS B 178 -22.52 29.62 -17.57
N ASP B 179 -22.22 30.18 -16.40
CA ASP B 179 -20.86 30.62 -16.07
C ASP B 179 -20.11 29.41 -15.49
N ILE B 180 -19.39 28.70 -16.35
CA ILE B 180 -18.69 27.47 -15.97
C ILE B 180 -17.22 27.63 -16.34
N ARG B 181 -16.33 27.50 -15.37
CA ARG B 181 -14.90 27.63 -15.66
CA ARG B 181 -14.90 27.63 -15.65
C ARG B 181 -14.44 26.46 -16.51
N LEU B 182 -13.54 26.74 -17.44
CA LEU B 182 -12.95 25.69 -18.27
C LEU B 182 -11.47 25.64 -17.92
N GLU B 183 -11.09 24.65 -17.13
CA GLU B 183 -9.77 24.57 -16.53
C GLU B 183 -8.93 23.57 -17.31
N ILE B 184 -7.62 23.80 -17.32
CA ILE B 184 -6.70 22.91 -18.00
C ILE B 184 -5.55 22.61 -17.05
N ASP B 185 -5.09 21.36 -17.04
CA ASP B 185 -4.02 20.99 -16.12
C ASP B 185 -3.13 19.95 -16.80
N GLY B 186 -1.84 20.26 -16.90
CA GLY B 186 -0.89 19.27 -17.39
C GLY B 186 0.05 19.82 -18.44
N GLY B 187 1.30 20.06 -18.04
CA GLY B 187 2.30 20.53 -18.99
C GLY B 187 2.04 21.92 -19.50
N VAL B 188 1.32 22.74 -18.75
CA VAL B 188 1.05 24.12 -19.16
C VAL B 188 2.28 24.95 -18.82
N LYS B 189 2.79 25.68 -19.79
CA LYS B 189 3.95 26.53 -19.53
C LYS B 189 3.82 27.80 -20.35
N ALA B 190 4.77 28.73 -20.16
CA ALA B 190 4.65 30.02 -20.82
C ALA B 190 4.53 29.87 -22.33
N ASP B 191 5.26 28.93 -22.92
CA ASP B 191 5.33 28.91 -24.38
C ASP B 191 4.17 28.17 -25.05
N ASN B 192 3.26 27.54 -24.30
CA ASN B 192 2.07 26.98 -24.93
C ASN B 192 0.77 27.53 -24.35
N ILE B 193 0.81 28.41 -23.36
CA ILE B 193 -0.44 28.80 -22.72
C ILE B 193 -1.29 29.66 -23.67
N GLY B 194 -0.65 30.38 -24.60
CA GLY B 194 -1.43 31.14 -25.57
C GLY B 194 -2.33 30.26 -26.43
N GLU B 195 -1.75 29.21 -27.01
CA GLU B 195 -2.52 28.28 -27.84
C GLU B 195 -3.60 27.58 -27.03
N ILE B 196 -3.32 27.28 -25.76
CA ILE B 196 -4.30 26.64 -24.90
C ILE B 196 -5.47 27.59 -24.62
N ALA B 197 -5.17 28.86 -24.38
CA ALA B 197 -6.21 29.86 -24.19
C ALA B 197 -7.06 30.02 -25.44
N ALA B 198 -6.40 30.08 -26.61
CA ALA B 198 -7.14 30.20 -27.86
C ALA B 198 -8.06 29.02 -28.08
N ALA B 199 -7.68 27.84 -27.56
CA ALA B 199 -8.51 26.65 -27.69
C ALA B 199 -9.74 26.69 -26.80
N GLY B 200 -9.73 27.54 -25.76
CA GLY B 200 -10.94 27.76 -25.01
C GLY B 200 -10.78 27.78 -23.50
N ALA B 201 -9.61 27.39 -22.99
CA ALA B 201 -9.43 27.37 -21.54
C ALA B 201 -9.46 28.80 -20.99
N ASP B 202 -10.03 28.96 -19.80
CA ASP B 202 -9.92 30.26 -19.13
C ASP B 202 -9.37 30.14 -17.72
N THR B 203 -9.03 28.95 -17.27
CA THR B 203 -8.50 28.73 -15.92
C THR B 203 -7.31 27.80 -16.06
N PHE B 204 -6.14 28.24 -15.64
CA PHE B 204 -4.89 27.60 -16.05
C PHE B 204 -4.14 27.08 -14.83
N VAL B 205 -3.94 25.76 -14.77
CA VAL B 205 -3.16 25.12 -13.70
C VAL B 205 -1.74 24.89 -14.23
N ALA B 206 -0.74 25.39 -13.50
CA ALA B 206 0.65 25.12 -13.82
C ALA B 206 1.39 24.84 -12.53
N GLY B 207 2.31 23.89 -12.57
CA GLY B 207 3.02 23.55 -11.35
C GLY B 207 4.50 23.86 -11.47
N SER B 208 5.23 22.94 -12.11
CA SER B 208 6.67 23.09 -12.23
C SER B 208 7.06 24.37 -12.96
N ALA B 209 6.25 24.79 -13.94
CA ALA B 209 6.59 26.00 -14.70
C ALA B 209 6.63 27.24 -13.80
N ILE B 210 5.88 27.24 -12.71
CA ILE B 210 5.89 28.39 -11.81
C ILE B 210 6.87 28.14 -10.68
N PHE B 211 6.69 27.02 -9.96
CA PHE B 211 7.47 26.81 -8.74
C PHE B 211 8.91 26.43 -9.00
N ASN B 212 9.24 25.90 -10.18
CA ASN B 212 10.62 25.52 -10.51
C ASN B 212 11.23 26.41 -11.58
N ALA B 213 10.70 27.61 -11.77
CA ALA B 213 11.20 28.43 -12.85
C ALA B 213 12.57 29.01 -12.51
N LYS B 214 13.33 29.36 -13.56
CA LYS B 214 14.60 30.03 -13.38
C LYS B 214 14.43 31.50 -13.05
N THR B 215 13.27 32.06 -13.33
CA THR B 215 12.91 33.41 -12.94
C THR B 215 11.81 33.33 -11.87
N SER B 216 11.43 34.48 -11.35
CA SER B 216 10.57 34.56 -10.19
C SER B 216 9.16 34.07 -10.51
N TYR B 217 8.40 33.78 -9.44
CA TYR B 217 6.99 33.43 -9.65
C TYR B 217 6.27 34.55 -10.36
N GLN B 218 6.56 35.79 -9.99
CA GLN B 218 5.83 36.92 -10.57
CA GLN B 218 5.86 36.94 -10.57
C GLN B 218 6.16 37.09 -12.05
N ASP B 219 7.42 36.86 -12.45
CA ASP B 219 7.79 36.99 -13.85
CA ASP B 219 7.79 37.00 -13.85
C ASP B 219 7.08 35.96 -14.71
N VAL B 220 7.08 34.70 -14.27
CA VAL B 220 6.42 33.63 -15.02
C VAL B 220 4.92 33.90 -15.16
N ILE B 221 4.29 34.27 -14.04
CA ILE B 221 2.85 34.50 -14.09
C ILE B 221 2.53 35.69 -14.99
N ALA B 222 3.37 36.74 -14.95
CA ALA B 222 3.15 37.88 -15.83
C ALA B 222 3.30 37.48 -17.30
N GLN B 223 4.33 36.69 -17.62
CA GLN B 223 4.48 36.18 -18.98
CA GLN B 223 4.46 36.23 -19.00
C GLN B 223 3.26 35.39 -19.42
N MET B 224 2.78 34.50 -18.54
CA MET B 224 1.62 33.68 -18.87
C MET B 224 0.42 34.55 -19.18
N ARG B 225 0.15 35.55 -18.34
CA ARG B 225 -0.98 36.43 -18.60
C ARG B 225 -0.82 37.18 -19.90
N ALA B 226 0.39 37.69 -20.17
CA ALA B 226 0.63 38.39 -21.44
C ALA B 226 0.41 37.47 -22.62
N ASN B 227 0.86 36.22 -22.52
CA ASN B 227 0.69 35.30 -23.63
C ASN B 227 -0.78 34.95 -23.83
N VAL B 228 -1.53 34.81 -22.74
CA VAL B 228 -2.97 34.55 -22.85
C VAL B 228 -3.68 35.73 -23.50
N ALA B 229 -3.35 36.94 -23.07
CA ALA B 229 -3.98 38.13 -23.62
C ALA B 229 -3.69 38.28 -25.11
N ALA B 230 -2.45 37.97 -25.52
CA ALA B 230 -2.08 38.11 -26.92
C ALA B 230 -2.77 37.08 -27.81
N ALA B 231 -3.16 35.93 -27.27
CA ALA B 231 -3.75 34.86 -28.07
C ALA B 231 -5.26 34.98 -28.22
N ARG B 232 -5.91 35.76 -27.36
CA ARG B 232 -7.35 35.96 -27.42
C ARG B 232 -7.71 37.16 -28.31
N CYS C 12 13.08 6.44 26.69
CA CYS C 12 14.12 6.18 25.69
C CYS C 12 13.93 7.08 24.44
N LEU C 13 13.08 6.74 23.47
CA LEU C 13 12.98 7.56 22.27
C LEU C 13 11.64 8.26 22.18
N ILE C 14 11.65 9.56 21.85
CA ILE C 14 10.45 10.36 21.69
C ILE C 14 10.27 10.64 20.20
N ALA C 15 9.09 10.28 19.67
CA ALA C 15 8.82 10.37 18.23
C ALA C 15 7.51 11.12 18.00
N PRO C 16 7.54 12.45 17.99
CA PRO C 16 6.29 13.21 17.82
C PRO C 16 5.65 12.97 16.47
N SER C 17 4.32 12.83 16.47
CA SER C 17 3.54 12.67 15.25
CA SER C 17 3.58 12.67 15.23
C SER C 17 3.24 14.05 14.67
N ILE C 18 3.67 14.31 13.43
CA ILE C 18 3.48 15.63 12.85
C ILE C 18 2.06 15.85 12.32
N LEU C 19 1.19 14.86 12.40
CA LEU C 19 -0.21 15.10 12.06
C LEU C 19 -0.80 16.26 12.86
N SER C 20 -0.29 16.50 14.07
CA SER C 20 -0.81 17.55 14.95
C SER C 20 -0.08 18.88 14.78
N ALA C 21 0.94 18.94 13.93
CA ALA C 21 1.74 20.15 13.75
C ALA C 21 1.06 21.11 12.77
N ASN C 22 1.62 22.32 12.68
CA ASN C 22 1.16 23.33 11.73
C ASN C 22 1.70 22.99 10.34
N PHE C 23 0.87 22.43 9.46
CA PHE C 23 1.36 22.06 8.14
C PHE C 23 1.65 23.25 7.23
N ALA C 24 1.25 24.47 7.62
CA ALA C 24 1.68 25.63 6.84
C ALA C 24 3.12 26.00 7.11
N ARG C 25 3.71 25.51 8.21
CA ARG C 25 5.09 25.80 8.58
C ARG C 25 5.75 24.54 9.11
N LEU C 26 5.69 23.49 8.29
CA LEU C 26 6.05 22.16 8.76
C LEU C 26 7.54 22.07 9.09
N GLY C 27 8.38 22.67 8.24
CA GLY C 27 9.81 22.66 8.52
C GLY C 27 10.15 23.32 9.84
N GLU C 28 9.53 24.47 10.13
CA GLU C 28 9.74 25.13 11.42
C GLU C 28 9.32 24.23 12.57
N GLU C 29 8.15 23.61 12.45
CA GLU C 29 7.61 22.77 13.52
C GLU C 29 8.55 21.61 13.81
N VAL C 30 9.02 20.95 12.76
CA VAL C 30 9.90 19.81 12.94
C VAL C 30 11.25 20.26 13.50
N ASP C 31 11.83 21.32 12.92
CA ASP C 31 13.08 21.86 13.47
C ASP C 31 12.94 22.15 14.95
N ASN C 32 11.83 22.79 15.33
CA ASN C 32 11.61 23.21 16.71
CA ASN C 32 11.67 23.21 16.72
C ASN C 32 11.45 22.02 17.65
N VAL C 33 10.65 21.03 17.21
CA VAL C 33 10.38 19.90 18.11
C VAL C 33 11.61 19.04 18.30
N LEU C 34 12.47 18.95 17.27
CA LEU C 34 13.74 18.25 17.42
C LEU C 34 14.68 19.02 18.33
N ALA C 35 14.76 20.34 18.16
CA ALA C 35 15.57 21.14 19.08
C ALA C 35 15.09 20.98 20.52
N ALA C 36 13.78 20.82 20.70
CA ALA C 36 13.17 20.71 22.02
C ALA C 36 13.39 19.34 22.68
N GLY C 37 14.02 18.39 21.99
CA GLY C 37 14.35 17.12 22.60
C GLY C 37 13.78 15.89 21.92
N ALA C 38 12.99 16.01 20.85
CA ALA C 38 12.49 14.85 20.14
C ALA C 38 13.62 14.12 19.45
N ASP C 39 13.49 12.81 19.31
CA ASP C 39 14.49 11.99 18.63
C ASP C 39 14.14 11.70 17.17
N TRP C 40 12.88 11.39 16.89
CA TRP C 40 12.42 10.96 15.60
C TRP C 40 11.26 11.83 15.15
N VAL C 41 11.04 11.85 13.84
CA VAL C 41 9.83 12.43 13.26
C VAL C 41 8.90 11.28 12.89
N HIS C 42 7.74 11.19 13.55
CA HIS C 42 6.78 10.14 13.25
C HIS C 42 5.76 10.63 12.22
N PHE C 43 5.58 9.85 11.17
CA PHE C 43 4.98 10.28 9.92
C PHE C 43 3.84 9.31 9.63
N ASP C 44 2.60 9.70 9.91
CA ASP C 44 1.43 8.83 9.75
C ASP C 44 0.84 9.01 8.36
N VAL C 45 0.81 7.93 7.59
CA VAL C 45 0.44 7.98 6.19
C VAL C 45 -0.88 7.25 6.03
N MET C 46 -1.92 7.95 5.58
CA MET C 46 -3.24 7.35 5.44
C MET C 46 -3.73 7.52 4.01
N ASP C 47 -4.27 6.45 3.41
CA ASP C 47 -4.64 6.47 2.01
C ASP C 47 -6.15 6.54 1.75
N ASN C 48 -6.97 6.84 2.78
CA ASN C 48 -8.42 6.94 2.66
C ASN C 48 -9.09 5.59 2.44
N HIS C 49 -8.33 4.51 2.41
CA HIS C 49 -8.89 3.17 2.21
C HIS C 49 -8.66 2.27 3.40
N TYR C 50 -7.41 2.13 3.86
CA TYR C 50 -7.15 1.32 5.03
C TYR C 50 -7.75 1.97 6.28
N VAL C 51 -7.82 3.29 6.29
CA VAL C 51 -8.48 4.06 7.33
C VAL C 51 -9.25 5.20 6.66
N PRO C 52 -10.26 5.74 7.33
CA PRO C 52 -11.11 6.77 6.69
C PRO C 52 -10.55 8.17 6.79
N ASN C 53 -9.32 8.35 6.32
CA ASN C 53 -8.70 9.67 6.30
C ASN C 53 -7.55 9.59 5.32
N LEU C 54 -7.13 10.74 4.81
CA LEU C 54 -6.02 10.85 3.88
C LEU C 54 -5.07 11.91 4.43
N THR C 55 -3.78 11.59 4.60
CA THR C 55 -2.87 12.53 5.27
C THR C 55 -1.79 13.03 4.31
N ILE C 56 -0.60 12.41 4.27
CA ILE C 56 0.55 12.97 3.58
C ILE C 56 1.37 11.86 2.96
N GLY C 57 1.94 12.11 1.78
CA GLY C 57 2.65 11.07 1.06
C GLY C 57 4.15 11.33 0.98
N PRO C 58 4.82 10.56 0.12
CA PRO C 58 6.29 10.63 0.04
C PRO C 58 6.84 12.02 -0.23
N MET C 59 6.14 12.86 -0.99
CA MET C 59 6.67 14.19 -1.29
C MET C 59 6.91 15.02 -0.04
N VAL C 60 6.12 14.80 1.00
CA VAL C 60 6.30 15.55 2.24
C VAL C 60 7.53 15.06 2.98
N CYS C 61 7.76 13.75 2.96
CA CYS C 61 9.00 13.20 3.51
C CYS C 61 10.22 13.77 2.78
N GLN C 62 10.18 13.75 1.44
CA GLN C 62 11.27 14.32 0.67
CA GLN C 62 11.28 14.32 0.68
C GLN C 62 11.51 15.78 1.04
N ALA C 63 10.44 16.55 1.23
CA ALA C 63 10.57 17.97 1.52
C ALA C 63 11.28 18.20 2.85
N LEU C 64 11.02 17.34 3.85
CA LEU C 64 11.70 17.48 5.12
C LEU C 64 13.18 17.17 4.97
N ARG C 65 13.52 16.15 4.17
CA ARG C 65 14.94 15.88 3.94
C ARG C 65 15.62 17.06 3.24
N LYS C 66 14.97 17.61 2.20
CA LYS C 66 15.55 18.73 1.48
C LYS C 66 15.69 19.95 2.38
N HIS C 67 14.79 20.09 3.35
CA HIS C 67 14.84 21.19 4.32
C HIS C 67 16.02 21.08 5.27
N GLY C 68 16.65 19.90 5.35
CA GLY C 68 17.79 19.69 6.21
C GLY C 68 17.55 18.79 7.42
N VAL C 69 16.38 18.17 7.52
CA VAL C 69 16.11 17.29 8.64
C VAL C 69 16.94 16.02 8.47
N THR C 70 17.75 15.70 9.49
CA THR C 70 18.59 14.51 9.47
C THR C 70 18.20 13.48 10.50
N ALA C 71 17.24 13.80 11.38
CA ALA C 71 16.76 12.86 12.37
C ALA C 71 16.04 11.71 11.68
N PRO C 72 15.94 10.54 12.33
CA PRO C 72 15.19 9.43 11.73
C PRO C 72 13.75 9.86 11.45
N ILE C 73 13.27 9.51 10.27
CA ILE C 73 11.87 9.70 9.90
C ILE C 73 11.21 8.33 9.94
N ASP C 74 10.18 8.22 10.77
CA ASP C 74 9.56 6.94 11.14
C ASP C 74 8.21 6.91 10.42
N VAL C 75 8.12 6.19 9.31
CA VAL C 75 6.94 6.22 8.46
C VAL C 75 6.00 5.08 8.83
N HIS C 76 4.79 5.42 9.30
CA HIS C 76 3.78 4.45 9.66
C HIS C 76 2.76 4.41 8.51
N LEU C 77 2.74 3.31 7.77
CA LEU C 77 1.83 3.18 6.63
C LEU C 77 0.48 2.63 7.10
N MET C 78 -0.52 3.50 7.13
CA MET C 78 -1.92 3.10 7.23
C MET C 78 -2.55 3.14 5.85
N VAL C 79 -2.04 2.26 4.99
CA VAL C 79 -2.42 2.18 3.58
C VAL C 79 -2.57 0.70 3.21
N GLU C 80 -3.37 0.44 2.18
CA GLU C 80 -3.60 -0.93 1.72
C GLU C 80 -3.96 -0.87 0.24
N PRO C 81 -3.23 -1.59 -0.65
CA PRO C 81 -2.04 -2.40 -0.39
C PRO C 81 -0.83 -1.52 -0.08
N VAL C 82 0.31 -2.13 0.22
CA VAL C 82 1.44 -1.39 0.75
CA VAL C 82 1.46 -1.43 0.78
C VAL C 82 2.65 -1.41 -0.17
N ASP C 83 2.83 -2.44 -1.01
CA ASP C 83 4.14 -2.61 -1.64
C ASP C 83 4.48 -1.49 -2.61
N ARG C 84 3.51 -0.97 -3.38
CA ARG C 84 3.89 -0.02 -4.43
C ARG C 84 4.51 1.26 -3.86
N ILE C 85 3.96 1.75 -2.74
CA ILE C 85 4.43 3.04 -2.23
C ILE C 85 5.70 2.93 -1.43
N ILE C 86 6.09 1.73 -1.00
CA ILE C 86 7.27 1.59 -0.15
C ILE C 86 8.53 2.11 -0.83
N PRO C 87 8.82 1.76 -2.09
CA PRO C 87 10.02 2.34 -2.72
C PRO C 87 9.99 3.86 -2.80
N ASP C 88 8.81 4.47 -2.94
CA ASP C 88 8.76 5.93 -2.98
C ASP C 88 9.15 6.55 -1.64
N PHE C 89 8.74 5.92 -0.53
CA PHE C 89 9.15 6.43 0.78
C PHE C 89 10.63 6.17 1.03
N ALA C 90 11.16 5.03 0.56
CA ALA C 90 12.60 4.81 0.67
C ALA C 90 13.38 5.88 -0.09
N GLU C 91 12.96 6.17 -1.33
CA GLU C 91 13.66 7.18 -2.12
C GLU C 91 13.49 8.57 -1.51
N ALA C 92 12.36 8.82 -0.84
CA ALA C 92 12.14 10.10 -0.19
C ALA C 92 12.92 10.27 1.11
N GLY C 93 13.60 9.23 1.60
CA GLY C 93 14.44 9.37 2.79
C GLY C 93 13.87 8.82 4.09
N ALA C 94 12.86 7.96 4.02
CA ALA C 94 12.35 7.31 5.23
C ALA C 94 13.46 6.50 5.91
N THR C 95 13.42 6.47 7.23
CA THR C 95 14.36 5.66 7.99
C THR C 95 13.73 4.33 8.41
N TYR C 96 12.61 4.40 9.10
CA TYR C 96 11.79 3.24 9.45
C TYR C 96 10.54 3.27 8.59
N ILE C 97 10.06 2.10 8.18
CA ILE C 97 8.77 1.97 7.51
C ILE C 97 8.04 0.83 8.18
N SER C 98 6.90 1.13 8.80
CA SER C 98 6.08 0.13 9.45
C SER C 98 4.75 -0.01 8.71
N PHE C 99 4.15 -1.20 8.79
CA PHE C 99 2.89 -1.42 8.09
C PHE C 99 2.06 -2.42 8.88
N HIS C 100 0.80 -2.48 8.51
CA HIS C 100 -0.15 -3.38 9.14
C HIS C 100 -0.18 -4.71 8.39
N PRO C 101 0.05 -5.85 9.04
CA PRO C 101 0.08 -7.11 8.29
C PRO C 101 -1.22 -7.41 7.58
N GLU C 102 -2.37 -6.96 8.14
CA GLU C 102 -3.64 -7.16 7.46
C GLU C 102 -3.68 -6.49 6.08
N ALA C 103 -2.82 -5.50 5.84
CA ALA C 103 -2.86 -4.69 4.62
C ALA C 103 -1.97 -5.23 3.52
N SER C 104 -1.22 -6.31 3.78
CA SER C 104 -0.33 -6.93 2.80
C SER C 104 -0.74 -8.38 2.61
N ARG C 105 -0.83 -8.82 1.36
CA ARG C 105 -1.11 -10.23 1.13
C ARG C 105 0.09 -11.12 1.37
N HIS C 106 1.30 -10.55 1.46
CA HIS C 106 2.51 -11.35 1.58
C HIS C 106 3.41 -10.61 2.56
N VAL C 107 3.13 -10.79 3.85
CA VAL C 107 3.78 -9.99 4.89
C VAL C 107 5.30 -10.17 4.85
N HIS C 108 5.77 -11.42 4.71
CA HIS C 108 7.21 -11.65 4.71
C HIS C 108 7.89 -10.90 3.56
N ARG C 109 7.27 -10.90 2.37
CA ARG C 109 7.84 -10.18 1.24
C ARG C 109 7.88 -8.69 1.49
N THR C 110 6.83 -8.14 2.09
CA THR C 110 6.81 -6.70 2.33
C THR C 110 7.96 -6.29 3.25
N ILE C 111 8.21 -7.10 4.29
CA ILE C 111 9.35 -6.86 5.18
C ILE C 111 10.66 -6.92 4.39
N GLN C 112 10.81 -7.96 3.57
CA GLN C 112 12.03 -8.10 2.76
CA GLN C 112 12.01 -8.12 2.75
C GLN C 112 12.22 -6.91 1.84
N LEU C 113 11.12 -6.40 1.27
CA LEU C 113 11.20 -5.26 0.37
C LEU C 113 11.73 -4.03 1.09
N ILE C 114 11.13 -3.71 2.24
CA ILE C 114 11.61 -2.60 3.07
C ILE C 114 13.08 -2.75 3.36
N ARG C 115 13.49 -3.94 3.82
CA ARG C 115 14.90 -4.15 4.15
C ARG C 115 15.80 -3.99 2.92
N SER C 116 15.35 -4.47 1.77
CA SER C 116 16.16 -4.43 0.55
C SER C 116 16.45 -3.01 0.10
N LEU C 117 15.62 -2.05 0.48
CA LEU C 117 15.78 -0.65 0.11
C LEU C 117 16.63 0.12 1.12
N GLY C 118 17.16 -0.54 2.13
CA GLY C 118 17.97 0.11 3.15
C GLY C 118 17.17 0.71 4.30
N CYS C 119 15.88 0.41 4.40
CA CYS C 119 15.03 0.94 5.46
C CYS C 119 14.83 -0.10 6.56
N LYS C 120 14.34 0.38 7.71
CA LYS C 120 14.19 -0.47 8.88
CA LYS C 120 14.19 -0.47 8.88
C LYS C 120 12.73 -0.87 9.02
N PRO C 121 12.40 -2.16 8.88
CA PRO C 121 10.99 -2.57 8.81
C PRO C 121 10.35 -2.71 10.18
N GLY C 122 9.06 -2.33 10.22
CA GLY C 122 8.26 -2.50 11.41
C GLY C 122 6.91 -3.10 11.06
N ILE C 123 6.32 -3.76 12.05
CA ILE C 123 4.97 -4.30 11.96
C ILE C 123 4.11 -3.55 12.96
N VAL C 124 2.88 -3.19 12.57
CA VAL C 124 1.96 -2.47 13.45
C VAL C 124 0.82 -3.40 13.83
N LEU C 125 0.53 -3.47 15.12
CA LEU C 125 -0.62 -4.25 15.62
C LEU C 125 -1.73 -3.29 16.01
N ASN C 126 -2.87 -3.40 15.35
CA ASN C 126 -4.07 -2.69 15.79
C ASN C 126 -4.50 -3.21 17.16
N PRO C 127 -5.38 -2.48 17.87
CA PRO C 127 -5.76 -2.91 19.23
C PRO C 127 -6.24 -4.35 19.30
N ALA C 128 -7.01 -4.83 18.32
CA ALA C 128 -7.49 -6.21 18.39
C ALA C 128 -6.53 -7.23 17.78
N THR C 129 -5.48 -6.82 17.12
CA THR C 129 -4.65 -7.78 16.36
C THR C 129 -3.93 -8.75 17.29
N PRO C 130 -4.12 -10.06 17.16
CA PRO C 130 -3.41 -11.00 18.03
C PRO C 130 -1.92 -10.98 17.73
N VAL C 131 -1.11 -11.27 18.76
CA VAL C 131 0.32 -11.15 18.60
C VAL C 131 0.92 -12.29 17.77
N ASP C 132 0.16 -13.34 17.45
CA ASP C 132 0.85 -14.46 16.80
C ASP C 132 1.22 -14.16 15.35
N ILE C 133 0.75 -13.06 14.78
CA ILE C 133 1.28 -12.64 13.48
C ILE C 133 2.76 -12.32 13.55
N LEU C 134 3.30 -12.11 14.77
CA LEU C 134 4.76 -11.94 14.91
C LEU C 134 5.53 -13.27 14.90
N ASP C 135 4.82 -14.41 14.95
CA ASP C 135 5.49 -15.71 15.20
C ASP C 135 6.63 -15.99 14.24
N TRP C 136 6.45 -15.70 12.95
CA TRP C 136 7.39 -16.12 11.93
C TRP C 136 8.13 -14.95 11.28
N VAL C 137 7.98 -13.73 11.81
CA VAL C 137 8.66 -12.58 11.20
C VAL C 137 9.41 -11.73 12.23
N LEU C 138 9.24 -12.01 13.53
CA LEU C 138 9.76 -11.07 14.53
C LEU C 138 11.26 -10.85 14.34
N ASP C 139 12.02 -11.92 14.09
CA ASP C 139 13.48 -11.78 13.97
C ASP C 139 13.90 -10.93 12.77
N ASP C 140 13.00 -10.69 11.82
CA ASP C 140 13.30 -9.88 10.65
C ASP C 140 12.98 -8.40 10.83
N LEU C 141 12.43 -8.01 11.98
CA LEU C 141 11.94 -6.66 12.23
C LEU C 141 12.94 -5.82 13.03
N ASP C 142 12.88 -4.51 12.83
CA ASP C 142 13.58 -3.56 13.69
C ASP C 142 12.65 -2.84 14.64
N LEU C 143 11.33 -2.96 14.45
CA LEU C 143 10.38 -2.21 15.25
C LEU C 143 9.04 -2.95 15.26
N VAL C 144 8.37 -2.94 16.40
CA VAL C 144 6.97 -3.33 16.50
C VAL C 144 6.22 -2.16 17.10
N LEU C 145 5.12 -1.75 16.47
CA LEU C 145 4.29 -0.65 16.94
C LEU C 145 2.94 -1.17 17.40
N LEU C 146 2.57 -0.84 18.63
CA LEU C 146 1.24 -1.18 19.13
C LEU C 146 0.38 0.08 19.08
N MET C 147 -0.79 -0.01 18.44
CA MET C 147 -1.74 1.10 18.43
C MET C 147 -2.57 1.05 19.71
N SER C 148 -2.63 2.16 20.44
CA SER C 148 -3.46 2.27 21.62
C SER C 148 -4.67 3.17 21.39
N VAL C 149 -4.92 3.55 20.14
CA VAL C 149 -6.18 4.11 19.67
C VAL C 149 -6.50 3.42 18.36
N ASN C 150 -7.71 3.60 17.86
CA ASN C 150 -7.99 3.07 16.53
C ASN C 150 -7.44 4.02 15.48
N PRO C 151 -6.56 3.54 14.60
CA PRO C 151 -5.86 4.45 13.69
C PRO C 151 -6.81 5.07 12.70
N GLY C 152 -6.63 6.37 12.46
CA GLY C 152 -7.38 7.10 11.48
C GLY C 152 -8.72 7.60 11.96
N PHE C 153 -9.08 7.39 13.23
CA PHE C 153 -10.34 7.86 13.75
C PHE C 153 -10.17 9.04 14.71
N GLY C 154 -9.00 9.68 14.71
CA GLY C 154 -8.84 10.99 15.33
C GLY C 154 -8.30 10.94 16.74
N GLY C 155 -8.43 12.09 17.42
CA GLY C 155 -7.96 12.20 18.79
C GLY C 155 -8.80 11.32 19.70
N GLN C 156 -8.15 10.34 20.35
CA GLN C 156 -8.87 9.35 21.16
C GLN C 156 -8.14 9.13 22.46
N ALA C 157 -8.83 8.41 23.36
CA ALA C 157 -8.26 8.04 24.64
C ALA C 157 -7.50 6.74 24.51
N PHE C 158 -6.37 6.68 25.21
CA PHE C 158 -5.59 5.47 25.33
C PHE C 158 -6.47 4.28 25.67
N ILE C 159 -6.32 3.21 24.90
CA ILE C 159 -7.04 1.95 25.14
C ILE C 159 -6.29 1.12 26.17
N PRO C 160 -6.88 0.86 27.35
CA PRO C 160 -6.13 0.21 28.43
C PRO C 160 -5.54 -1.17 28.09
N SER C 161 -6.18 -1.96 27.22
CA SER C 161 -5.62 -3.28 26.91
C SER C 161 -4.24 -3.19 26.26
N ALA C 162 -3.88 -2.03 25.69
CA ALA C 162 -2.54 -1.86 25.12
C ALA C 162 -1.45 -2.09 26.16
N LEU C 163 -1.72 -1.78 27.45
CA LEU C 163 -0.71 -2.03 28.49
C LEU C 163 -0.44 -3.52 28.64
N ASP C 164 -1.50 -4.34 28.59
CA ASP C 164 -1.31 -5.78 28.71
C ASP C 164 -0.61 -6.33 27.47
N LYS C 165 -0.94 -5.80 26.29
CA LYS C 165 -0.30 -6.29 25.08
C LYS C 165 1.16 -5.85 24.99
N LEU C 166 1.48 -4.65 25.48
CA LEU C 166 2.89 -4.25 25.57
C LEU C 166 3.71 -5.25 26.38
N LYS C 167 3.17 -5.71 27.51
CA LYS C 167 3.91 -6.67 28.34
C LYS C 167 4.16 -7.97 27.58
N VAL C 168 3.16 -8.43 26.83
CA VAL C 168 3.32 -9.66 26.05
C VAL C 168 4.40 -9.46 24.99
N VAL C 169 4.34 -8.35 24.25
CA VAL C 169 5.29 -8.16 23.16
C VAL C 169 6.69 -7.87 23.69
N ARG C 170 6.79 -7.17 24.83
CA ARG C 170 8.11 -7.00 25.45
C ARG C 170 8.75 -8.36 25.75
N LYS C 171 7.98 -9.31 26.29
CA LYS C 171 8.54 -10.64 26.55
C LYS C 171 9.00 -11.31 25.27
N MET C 172 8.21 -11.19 24.19
CA MET C 172 8.59 -11.80 22.92
C MET C 172 9.88 -11.18 22.40
N ILE C 173 9.98 -9.85 22.44
CA ILE C 173 11.19 -9.18 21.96
C ILE C 173 12.39 -9.57 22.81
N ASP C 174 12.22 -9.57 24.14
CA ASP C 174 13.32 -9.95 25.00
C ASP C 174 13.78 -11.38 24.73
N ALA C 175 12.83 -12.29 24.50
CA ALA C 175 13.19 -13.69 24.22
C ALA C 175 13.87 -13.85 22.86
N SER C 176 13.62 -12.94 21.92
CA SER C 176 14.26 -13.06 20.61
C SER C 176 15.75 -12.73 20.66
N GLY C 177 16.19 -11.96 21.64
CA GLY C 177 17.56 -11.50 21.69
C GLY C 177 17.89 -10.43 20.67
N LYS C 178 16.93 -9.99 19.88
CA LYS C 178 17.16 -8.98 18.84
C LYS C 178 16.88 -7.59 19.35
N ASP C 179 17.52 -6.61 18.70
CA ASP C 179 17.35 -5.21 19.01
C ASP C 179 16.13 -4.71 18.24
N ILE C 180 14.96 -4.76 18.86
CA ILE C 180 13.70 -4.41 18.22
C ILE C 180 13.02 -3.33 19.07
N ARG C 181 12.78 -2.16 18.49
CA ARG C 181 12.06 -1.11 19.21
CA ARG C 181 12.06 -1.10 19.20
C ARG C 181 10.64 -1.56 19.49
N LEU C 182 10.12 -1.17 20.66
CA LEU C 182 8.73 -1.44 21.01
C LEU C 182 8.06 -0.07 21.10
N GLU C 183 7.28 0.26 20.08
CA GLU C 183 6.73 1.60 19.90
C GLU C 183 5.25 1.58 20.28
N ILE C 184 4.77 2.72 20.77
CA ILE C 184 3.38 2.87 21.19
C ILE C 184 2.84 4.16 20.60
N ASP C 185 1.61 4.13 20.11
CA ASP C 185 1.03 5.32 19.46
C ASP C 185 -0.46 5.38 19.77
N GLY C 186 -0.89 6.49 20.39
CA GLY C 186 -2.29 6.72 20.60
C GLY C 186 -2.64 7.18 22.01
N GLY C 187 -2.95 8.46 22.16
CA GLY C 187 -3.35 8.96 23.45
C GLY C 187 -2.23 8.97 24.48
N VAL C 188 -0.98 8.99 24.04
CA VAL C 188 0.16 9.04 24.94
C VAL C 188 0.35 10.47 25.43
N LYS C 189 0.42 10.66 26.74
CA LYS C 189 0.62 12.00 27.25
C LYS C 189 1.48 11.95 28.50
N ALA C 190 1.83 13.13 29.03
CA ALA C 190 2.75 13.17 30.17
C ALA C 190 2.26 12.32 31.33
N ASP C 191 0.94 12.33 31.59
CA ASP C 191 0.44 11.70 32.79
C ASP C 191 0.19 10.19 32.66
N ASN C 192 0.34 9.61 31.48
CA ASN C 192 0.29 8.15 31.40
C ASN C 192 1.54 7.52 30.81
N ILE C 193 2.54 8.32 30.42
CA ILE C 193 3.68 7.73 29.72
C ILE C 193 4.54 6.90 30.66
N GLY C 194 4.56 7.22 31.96
CA GLY C 194 5.28 6.39 32.92
C GLY C 194 4.76 4.96 32.96
N GLU C 195 3.44 4.81 33.11
CA GLU C 195 2.84 3.48 33.15
C GLU C 195 3.06 2.74 31.83
N ILE C 196 3.03 3.47 30.71
CA ILE C 196 3.24 2.85 29.41
C ILE C 196 4.67 2.34 29.28
N ALA C 197 5.64 3.13 29.75
CA ALA C 197 7.03 2.70 29.76
C ALA C 197 7.21 1.48 30.66
N ALA C 198 6.58 1.49 31.84
CA ALA C 198 6.67 0.35 32.74
C ALA C 198 6.11 -0.92 32.11
N ALA C 199 5.11 -0.80 31.23
CA ALA C 199 4.55 -1.96 30.55
C ALA C 199 5.48 -2.50 29.48
N GLY C 200 6.45 -1.72 29.02
CA GLY C 200 7.47 -2.26 28.14
C GLY C 200 7.83 -1.42 26.94
N ALA C 201 7.08 -0.36 26.65
CA ALA C 201 7.40 0.45 25.49
C ALA C 201 8.71 1.20 25.72
N ASP C 202 9.47 1.39 24.64
CA ASP C 202 10.67 2.23 24.73
C ASP C 202 10.72 3.32 23.66
N THR C 203 9.70 3.41 22.81
CA THR C 203 9.65 4.38 21.73
C THR C 203 8.25 4.97 21.74
N PHE C 204 8.14 6.27 21.95
CA PHE C 204 6.87 6.87 22.33
C PHE C 204 6.43 7.89 21.29
N VAL C 205 5.29 7.64 20.66
CA VAL C 205 4.69 8.56 19.71
C VAL C 205 3.66 9.41 20.43
N ALA C 206 3.78 10.73 20.33
CA ALA C 206 2.75 11.62 20.87
C ALA C 206 2.51 12.74 19.86
N GLY C 207 1.26 13.16 19.72
CA GLY C 207 0.91 14.19 18.76
C GLY C 207 0.39 15.42 19.45
N SER C 208 -0.90 15.41 19.78
CA SER C 208 -1.50 16.59 20.41
C SER C 208 -0.87 16.92 21.75
N ALA C 209 -0.39 15.91 22.49
CA ALA C 209 0.21 16.21 23.79
C ALA C 209 1.44 17.11 23.65
N ILE C 210 2.14 17.02 22.53
CA ILE C 210 3.31 17.86 22.29
C ILE C 210 2.92 19.11 21.51
N PHE C 211 2.33 18.94 20.33
CA PHE C 211 2.14 20.07 19.42
C PHE C 211 1.03 21.02 19.86
N ASN C 212 0.06 20.54 20.64
CA ASN C 212 -1.03 21.40 21.11
C ASN C 212 -0.96 21.68 22.61
N ALA C 213 0.21 21.54 23.21
CA ALA C 213 0.31 21.69 24.65
C ALA C 213 0.20 23.15 25.07
N LYS C 214 -0.22 23.36 26.32
CA LYS C 214 -0.29 24.69 26.91
C LYS C 214 1.07 25.20 27.35
N THR C 215 2.05 24.32 27.51
CA THR C 215 3.43 24.67 27.76
C THR C 215 4.24 24.32 26.52
N SER C 216 5.52 24.66 26.54
CA SER C 216 6.34 24.54 25.35
C SER C 216 6.60 23.09 24.98
N TYR C 217 7.04 22.88 23.73
CA TYR C 217 7.44 21.53 23.33
C TYR C 217 8.53 21.00 24.24
N GLN C 218 9.51 21.85 24.57
CA GLN C 218 10.63 21.41 25.39
CA GLN C 218 10.63 21.43 25.41
C GLN C 218 10.16 21.02 26.80
N ASP C 219 9.20 21.76 27.37
CA ASP C 219 8.71 21.41 28.69
CA ASP C 219 8.68 21.42 28.69
C ASP C 219 7.97 20.07 28.69
N VAL C 220 7.10 19.84 27.70
CA VAL C 220 6.36 18.58 27.65
C VAL C 220 7.31 17.41 27.46
N ILE C 221 8.26 17.54 26.54
CA ILE C 221 9.18 16.43 26.28
C ILE C 221 10.04 16.15 27.51
N ALA C 222 10.47 17.19 28.22
CA ALA C 222 11.25 16.97 29.43
C ALA C 222 10.42 16.26 30.50
N GLN C 223 9.14 16.63 30.63
CA GLN C 223 8.29 15.93 31.59
CA GLN C 223 8.24 15.95 31.57
C GLN C 223 8.10 14.47 31.20
N MET C 224 7.90 14.20 29.91
CA MET C 224 7.73 12.83 29.46
C MET C 224 8.96 12.00 29.80
N ARG C 225 10.15 12.53 29.51
CA ARG C 225 11.38 11.81 29.82
C ARG C 225 11.51 11.58 31.32
N ALA C 226 11.23 12.61 32.13
CA ALA C 226 11.32 12.43 33.58
C ALA C 226 10.33 11.38 34.05
N ASN C 227 9.11 11.39 33.49
CA ASN C 227 8.10 10.41 33.90
C ASN C 227 8.49 9.00 33.47
N VAL C 228 9.09 8.85 32.29
CA VAL C 228 9.57 7.54 31.86
C VAL C 228 10.69 7.06 32.76
N ALA C 229 11.65 7.94 33.08
CA ALA C 229 12.78 7.54 33.92
C ALA C 229 12.31 7.12 35.31
N ALA C 230 11.32 7.82 35.87
CA ALA C 230 10.83 7.48 37.20
C ALA C 230 10.08 6.16 37.23
N ALA C 231 9.54 5.73 36.09
CA ALA C 231 8.75 4.49 36.06
C ALA C 231 9.61 3.26 35.80
N ARG C 232 10.82 3.43 35.31
CA ARG C 232 11.72 2.30 35.07
C ARG C 232 12.56 2.04 36.30
#